data_4IPL
#
_entry.id   4IPL
#
_cell.length_a   183.280
_cell.length_b   65.350
_cell.length_c   126.690
_cell.angle_alpha   90.00
_cell.angle_beta   133.38
_cell.angle_gamma   90.00
#
_symmetry.space_group_name_H-M   'C 1 2 1'
#
loop_
_entity.id
_entity.type
_entity.pdbx_description
1 polymer 6-phospho-beta-glucosidase
2 non-polymer GLYCEROL
3 water water
#
_entity_poly.entity_id   1
_entity_poly.type   'polypeptide(L)'
_entity_poly.pdbx_seq_one_letter_code
;HHHHHHSSGLVPRGSHMTIFPDDFLWGGAVAANQVEGAYNEDGKGLSVQDVLPKGGLGEATENPTEDNLKLIGIDFYHKY
KEDISLFSEMGFNVFRTSIAWSRIFPKGDEEEPNEAGLKYYDELFDELHAHGIEPLVTLSHYETPLYLARKYHGWVDRRM
IHFYEKFARTVLERYKDKVKYWLTFNEVNSVLELPFTSGGIDIPKENLSKQELYQAIHHELVASSLVTKIAREINSEFKV
GCMVLAMPAYPMTPNPKDVWATHEYENLNYLFSDVHVRGYYPNYAKRYFKENDINIEFAAEDAELLKNYTVDFLSFSYYM
SVTQSALPTQYNSGEGNIIGGLVNPYLESSEWGWQIDPIGLRIILNRYYDRYQIPLFIVENGLGAKDQLIKDELNNLTVQ
DDYRIQYMKEHLLQVAEALQDGVEIMGYTSWGCIDCVSMSTAQLSKRYGLIYVDRNDDGSGTLNRYKKMSFTWYKEVIES
NGESLFK
;
_entity_poly.pdbx_strand_id   A,B
#
# COMPACT_ATOMS: atom_id res chain seq x y z
N THR A 18 14.82 -3.07 24.51
CA THR A 18 15.69 -2.26 23.65
C THR A 18 15.32 -2.36 22.16
N ILE A 19 14.87 -3.53 21.70
CA ILE A 19 14.24 -3.62 20.39
C ILE A 19 12.81 -3.09 20.47
N PHE A 20 12.17 -3.27 21.62
CA PHE A 20 10.95 -2.52 21.93
C PHE A 20 11.38 -1.14 22.43
N PRO A 21 10.73 -0.07 21.96
CA PRO A 21 11.06 1.30 22.37
C PRO A 21 10.93 1.49 23.88
N ASP A 22 11.73 2.36 24.46
CA ASP A 22 11.63 2.67 25.88
C ASP A 22 10.22 3.12 26.22
N ASP A 23 9.60 3.83 25.30
CA ASP A 23 8.29 4.42 25.55
C ASP A 23 7.12 3.50 25.18
N PHE A 24 7.43 2.25 24.82
CA PHE A 24 6.40 1.31 24.41
C PHE A 24 5.35 1.18 25.50
N LEU A 25 4.09 1.18 25.09
CA LEU A 25 2.96 1.01 26.01
C LEU A 25 2.53 -0.44 26.12
N TRP A 26 2.59 -0.98 27.33
CA TRP A 26 2.18 -2.36 27.61
C TRP A 26 0.95 -2.37 28.47
N GLY A 27 -0.05 -3.14 28.09
CA GLY A 27 -1.28 -3.13 28.87
C GLY A 27 -2.36 -4.12 28.50
N GLY A 28 -3.58 -3.76 28.85
CA GLY A 28 -4.74 -4.61 28.61
C GLY A 28 -5.90 -3.72 28.23
N ALA A 29 -6.94 -4.32 27.67
CA ALA A 29 -8.05 -3.56 27.12
C ALA A 29 -9.38 -4.22 27.44
N VAL A 30 -10.36 -3.38 27.77
CA VAL A 30 -11.74 -3.82 27.95
C VAL A 30 -12.65 -2.74 27.38
N ALA A 31 -13.94 -3.05 27.27
CA ALA A 31 -14.95 -2.01 27.07
C ALA A 31 -15.83 -1.89 28.34
N ALA A 32 -16.31 -0.69 28.64
CA ALA A 32 -17.08 -0.46 29.88
C ALA A 32 -18.25 -1.43 30.11
N ASN A 33 -19.14 -1.54 29.12
CA ASN A 33 -20.28 -2.45 29.21
C ASN A 33 -19.91 -3.93 29.39
N GLN A 34 -18.68 -4.29 29.05
CA GLN A 34 -18.27 -5.69 29.13
C GLN A 34 -17.70 -6.06 30.53
N VAL A 35 -17.50 -5.06 31.38
CA VAL A 35 -16.98 -5.26 32.74
C VAL A 35 -17.80 -4.60 33.87
N GLU A 36 -18.04 -3.30 33.74
CA GLU A 36 -18.53 -2.44 34.83
C GLU A 36 -19.72 -2.95 35.65
N GLY A 37 -20.76 -3.45 34.99
CA GLY A 37 -21.98 -3.77 35.69
C GLY A 37 -22.54 -2.44 36.18
N ALA A 38 -23.23 -2.47 37.32
CA ALA A 38 -23.80 -1.25 37.87
C ALA A 38 -24.62 -0.50 36.82
N TYR A 39 -25.44 -1.22 36.07
CA TYR A 39 -26.08 -0.66 34.89
C TYR A 39 -27.05 0.48 35.17
N ASN A 40 -27.72 0.43 36.31
CA ASN A 40 -28.63 1.48 36.75
C ASN A 40 -28.12 2.45 37.82
N GLU A 41 -26.85 2.36 38.18
CA GLU A 41 -26.36 3.10 39.34
C GLU A 41 -25.88 4.52 39.05
N ASP A 42 -26.11 5.40 40.01
CA ASP A 42 -25.55 6.75 39.96
C ASP A 42 -26.05 7.55 38.77
N GLY A 43 -27.29 7.30 38.37
CA GLY A 43 -27.93 8.08 37.34
C GLY A 43 -27.67 7.59 35.93
N LYS A 44 -27.03 6.43 35.80
CA LYS A 44 -26.75 5.87 34.49
C LYS A 44 -28.04 5.56 33.73
N GLY A 45 -28.07 5.90 32.44
CA GLY A 45 -29.19 5.56 31.60
C GLY A 45 -28.93 4.25 30.88
N LEU A 46 -29.97 3.65 30.30
CA LEU A 46 -29.80 2.40 29.58
C LEU A 46 -28.99 2.61 28.32
N SER A 47 -28.13 1.64 28.01
CA SER A 47 -27.41 1.60 26.75
C SER A 47 -28.03 0.52 25.89
N VAL A 48 -27.58 0.38 24.65
CA VAL A 48 -28.08 -0.68 23.82
C VAL A 48 -27.67 -2.06 24.36
N GLN A 49 -26.58 -2.11 25.12
CA GLN A 49 -26.06 -3.38 25.66
C GLN A 49 -26.95 -3.93 26.78
N ASP A 50 -27.71 -3.04 27.39
CA ASP A 50 -28.59 -3.44 28.47
C ASP A 50 -29.81 -4.18 27.96
N VAL A 51 -30.08 -4.11 26.67
CA VAL A 51 -31.16 -4.89 26.10
C VAL A 51 -30.66 -5.98 25.16
N LEU A 52 -29.39 -6.34 25.30
CA LEU A 52 -28.79 -7.40 24.48
C LEU A 52 -28.28 -8.57 25.34
N PRO A 53 -29.20 -9.37 25.88
CA PRO A 53 -28.79 -10.43 26.81
C PRO A 53 -28.07 -11.56 26.09
N LYS A 54 -28.32 -11.72 24.80
CA LYS A 54 -27.58 -12.68 23.95
C LYS A 54 -26.46 -12.06 23.09
N GLY A 55 -26.16 -10.79 23.32
CA GLY A 55 -25.03 -10.14 22.66
C GLY A 55 -25.38 -9.55 21.30
N GLY A 56 -24.37 -9.07 20.59
CA GLY A 56 -24.58 -8.43 19.29
C GLY A 56 -25.17 -9.33 18.22
N LEU A 57 -24.91 -10.63 18.32
CA LEU A 57 -25.49 -11.61 17.42
C LEU A 57 -26.93 -11.96 17.80
N GLY A 58 -27.33 -11.59 19.02
CA GLY A 58 -28.65 -11.94 19.49
C GLY A 58 -29.69 -10.84 19.35
N GLU A 59 -30.93 -11.18 19.69
CA GLU A 59 -32.03 -10.23 19.60
C GLU A 59 -32.00 -9.24 20.76
N ALA A 60 -32.57 -8.07 20.53
CA ALA A 60 -32.76 -7.08 21.59
C ALA A 60 -34.03 -7.39 22.40
N THR A 61 -33.99 -7.10 23.70
CA THR A 61 -35.18 -7.20 24.54
C THR A 61 -35.75 -5.79 24.73
N GLU A 62 -37.07 -5.71 24.90
CA GLU A 62 -37.74 -4.43 25.12
C GLU A 62 -37.22 -3.69 26.35
N ASN A 63 -36.89 -4.45 27.38
CA ASN A 63 -36.33 -3.90 28.61
C ASN A 63 -35.26 -4.85 29.12
N PRO A 64 -34.34 -4.33 29.94
CA PRO A 64 -33.31 -5.20 30.51
C PRO A 64 -33.89 -6.42 31.21
N THR A 65 -33.28 -7.59 30.97
CA THR A 65 -33.70 -8.82 31.64
C THR A 65 -32.58 -9.38 32.52
N GLU A 66 -32.95 -10.03 33.62
CA GLU A 66 -31.99 -10.54 34.60
C GLU A 66 -30.95 -11.51 34.02
N ASP A 67 -31.31 -12.19 32.94
CA ASP A 67 -30.42 -13.11 32.25
C ASP A 67 -29.29 -12.39 31.48
N ASN A 68 -29.30 -11.06 31.48
CA ASN A 68 -28.28 -10.30 30.77
C ASN A 68 -27.08 -10.11 31.70
N LEU A 69 -25.97 -10.74 31.35
CA LEU A 69 -24.79 -10.74 32.22
C LEU A 69 -24.18 -9.37 32.38
N LYS A 70 -24.48 -8.46 31.46
CA LYS A 70 -23.87 -7.14 31.48
C LYS A 70 -24.50 -6.24 32.55
N LEU A 71 -25.67 -6.61 33.06
CA LEU A 71 -26.26 -5.83 34.14
C LEU A 71 -25.28 -5.72 35.30
N ILE A 72 -24.76 -6.87 35.74
CA ILE A 72 -23.72 -6.90 36.77
C ILE A 72 -22.28 -6.96 36.22
N GLY A 73 -22.14 -7.35 34.96
CA GLY A 73 -20.82 -7.54 34.39
C GLY A 73 -19.93 -8.36 35.28
N ILE A 74 -18.69 -7.94 35.42
CA ILE A 74 -17.81 -8.43 36.49
C ILE A 74 -17.76 -7.46 37.69
N ASP A 75 -18.63 -6.45 37.65
CA ASP A 75 -18.74 -5.46 38.71
C ASP A 75 -17.47 -4.64 38.89
N PHE A 76 -16.79 -4.37 37.78
CA PHE A 76 -15.60 -3.53 37.77
C PHE A 76 -15.91 -2.13 38.32
N TYR A 77 -17.14 -1.68 38.15
CA TYR A 77 -17.58 -0.37 38.65
C TYR A 77 -17.19 -0.20 40.13
N HIS A 78 -17.46 -1.22 40.93
CA HIS A 78 -17.08 -1.24 42.35
C HIS A 78 -15.68 -1.77 42.69
N LYS A 79 -15.21 -2.77 41.94
CA LYS A 79 -13.98 -3.48 42.29
C LYS A 79 -12.72 -2.94 41.59
N TYR A 80 -12.87 -1.85 40.84
CA TYR A 80 -11.79 -1.37 39.98
C TYR A 80 -10.48 -1.07 40.71
N LYS A 81 -10.54 -0.72 41.99
CA LYS A 81 -9.29 -0.47 42.73
C LYS A 81 -8.48 -1.77 42.89
N GLU A 82 -9.18 -2.85 43.24
CA GLU A 82 -8.54 -4.16 43.38
C GLU A 82 -8.02 -4.67 42.02
N ASP A 83 -8.90 -4.62 41.02
CA ASP A 83 -8.50 -5.02 39.66
C ASP A 83 -7.27 -4.26 39.19
N ILE A 84 -7.26 -2.95 39.44
CA ILE A 84 -6.14 -2.10 39.05
C ILE A 84 -4.86 -2.42 39.82
N SER A 85 -4.99 -2.82 41.08
CA SER A 85 -3.79 -3.28 41.79
C SER A 85 -3.21 -4.50 41.07
N LEU A 86 -4.09 -5.40 40.61
CA LEU A 86 -3.62 -6.51 39.75
C LEU A 86 -2.93 -6.02 38.45
N PHE A 87 -3.52 -5.02 37.79
CA PHE A 87 -2.91 -4.50 36.57
C PHE A 87 -1.50 -4.01 36.88
N SER A 88 -1.38 -3.31 38.01
CA SER A 88 -0.11 -2.74 38.44
C SER A 88 0.92 -3.81 38.81
N GLU A 89 0.46 -4.92 39.35
CA GLU A 89 1.40 -5.99 39.69
C GLU A 89 2.03 -6.58 38.41
N MET A 90 1.30 -6.47 37.30
CA MET A 90 1.82 -6.95 36.01
C MET A 90 2.73 -5.92 35.38
N GLY A 91 2.69 -4.70 35.91
CA GLY A 91 3.51 -3.63 35.39
C GLY A 91 2.91 -2.84 34.24
N PHE A 92 1.60 -2.92 34.01
CA PHE A 92 0.95 -2.15 32.94
C PHE A 92 1.34 -0.68 33.03
N ASN A 93 1.80 -0.10 31.93
CA ASN A 93 1.84 1.37 31.83
C ASN A 93 0.69 1.96 31.03
N VAL A 94 -0.24 1.11 30.60
CA VAL A 94 -1.40 1.58 29.87
C VAL A 94 -2.60 0.69 30.13
N PHE A 95 -3.80 1.26 30.10
CA PHE A 95 -5.00 0.47 30.23
C PHE A 95 -6.11 1.08 29.38
N ARG A 96 -6.76 0.28 28.58
CA ARG A 96 -7.71 0.79 27.61
C ARG A 96 -9.10 0.40 28.04
N THR A 97 -9.99 1.39 28.08
CA THR A 97 -11.40 1.08 28.35
C THR A 97 -12.20 2.12 27.61
N SER A 98 -13.53 2.04 27.69
CA SER A 98 -14.37 3.07 27.10
C SER A 98 -14.99 3.88 28.23
N ILE A 99 -15.33 5.13 27.94
CA ILE A 99 -16.20 5.87 28.85
C ILE A 99 -17.62 5.53 28.45
N ALA A 100 -18.42 5.02 29.37
CA ALA A 100 -19.75 4.65 28.98
C ALA A 100 -20.56 5.92 28.75
N TRP A 101 -20.99 6.11 27.51
CA TRP A 101 -21.73 7.29 27.06
C TRP A 101 -22.95 7.53 27.96
N SER A 102 -23.66 6.46 28.32
CA SER A 102 -24.87 6.60 29.14
C SER A 102 -24.63 6.93 30.63
N ARG A 103 -23.38 6.90 31.09
CA ARG A 103 -23.08 7.40 32.43
C ARG A 103 -22.92 8.92 32.45
N ILE A 104 -22.66 9.49 31.29
CA ILE A 104 -22.40 10.91 31.13
C ILE A 104 -23.68 11.63 30.68
N PHE A 105 -24.24 11.16 29.58
CA PHE A 105 -25.55 11.62 29.13
C PHE A 105 -26.53 10.46 29.06
N PRO A 106 -27.26 10.22 30.17
CA PRO A 106 -28.10 9.04 30.31
C PRO A 106 -29.05 8.83 29.12
N LYS A 107 -29.77 9.87 28.72
CA LYS A 107 -30.61 9.80 27.52
C LYS A 107 -29.81 10.11 26.24
N GLY A 108 -28.82 10.99 26.40
CA GLY A 108 -27.99 11.51 25.33
C GLY A 108 -28.29 12.95 24.91
N ASP A 109 -29.53 13.40 25.15
CA ASP A 109 -29.94 14.76 24.78
C ASP A 109 -29.97 15.83 25.89
N GLU A 110 -29.52 15.50 27.10
CA GLU A 110 -29.54 16.46 28.21
C GLU A 110 -28.65 17.67 27.93
N GLU A 111 -29.01 18.81 28.53
CA GLU A 111 -28.23 20.02 28.41
C GLU A 111 -26.97 19.98 29.27
N GLU A 112 -27.04 19.24 30.37
CA GLU A 112 -25.93 19.15 31.32
C GLU A 112 -25.54 17.69 31.50
N PRO A 113 -24.25 17.42 31.72
CA PRO A 113 -23.82 16.03 31.94
C PRO A 113 -24.19 15.53 33.33
N ASN A 114 -24.14 14.21 33.49
CA ASN A 114 -24.40 13.56 34.77
C ASN A 114 -23.10 13.56 35.57
N GLU A 115 -23.11 14.27 36.70
CA GLU A 115 -21.87 14.54 37.41
C GLU A 115 -21.34 13.33 38.17
N ALA A 116 -22.22 12.40 38.52
CA ALA A 116 -21.79 11.20 39.21
C ALA A 116 -20.93 10.34 38.28
N GLY A 117 -21.26 10.34 36.98
CA GLY A 117 -20.49 9.57 36.00
C GLY A 117 -19.13 10.19 35.76
N LEU A 118 -19.13 11.51 35.59
CA LEU A 118 -17.87 12.20 35.38
C LEU A 118 -16.97 12.02 36.58
N LYS A 119 -17.56 12.04 37.77
CA LYS A 119 -16.80 11.86 39.00
C LYS A 119 -16.23 10.44 39.02
N TYR A 120 -17.06 9.46 38.67
CA TYR A 120 -16.59 8.07 38.56
C TYR A 120 -15.35 7.94 37.66
N TYR A 121 -15.40 8.48 36.45
CA TYR A 121 -14.22 8.32 35.57
C TYR A 121 -13.03 9.11 36.09
N ASP A 122 -13.27 10.24 36.77
CA ASP A 122 -12.19 10.99 37.40
C ASP A 122 -11.47 10.08 38.40
N GLU A 123 -12.24 9.34 39.19
CA GLU A 123 -11.66 8.48 40.20
C GLU A 123 -10.94 7.28 39.59
N LEU A 124 -11.59 6.64 38.62
CA LEU A 124 -10.94 5.55 37.87
C LEU A 124 -9.58 5.99 37.30
N PHE A 125 -9.57 7.06 36.53
CA PHE A 125 -8.33 7.54 35.92
C PHE A 125 -7.30 7.92 36.97
N ASP A 126 -7.78 8.51 38.07
CA ASP A 126 -6.89 8.85 39.19
C ASP A 126 -6.20 7.61 39.80
N GLU A 127 -6.93 6.51 39.99
CA GLU A 127 -6.30 5.29 40.52
C GLU A 127 -5.26 4.77 39.51
N LEU A 128 -5.66 4.76 38.25
CA LEU A 128 -4.75 4.38 37.18
C LEU A 128 -3.44 5.17 37.26
N HIS A 129 -3.52 6.50 37.30
CA HIS A 129 -2.31 7.32 37.37
C HIS A 129 -1.55 7.12 38.68
N ALA A 130 -2.28 6.82 39.75
CA ALA A 130 -1.65 6.58 41.04
C ALA A 130 -0.76 5.35 40.93
N HIS A 131 -1.12 4.43 40.04
CA HIS A 131 -0.28 3.26 39.79
C HIS A 131 0.66 3.36 38.57
N GLY A 132 0.70 4.52 37.93
CA GLY A 132 1.63 4.77 36.84
C GLY A 132 1.15 4.25 35.49
N ILE A 133 -0.17 4.14 35.37
CA ILE A 133 -0.79 3.61 34.16
C ILE A 133 -1.49 4.73 33.39
N GLU A 134 -1.16 4.88 32.12
CA GLU A 134 -1.84 5.84 31.26
C GLU A 134 -3.18 5.26 30.81
N PRO A 135 -4.25 6.06 30.90
CA PRO A 135 -5.53 5.66 30.32
C PRO A 135 -5.51 5.74 28.79
N LEU A 136 -6.19 4.80 28.14
CA LEU A 136 -6.42 4.87 26.71
C LEU A 136 -7.91 4.73 26.54
N VAL A 137 -8.56 5.80 26.07
CA VAL A 137 -10.00 5.84 26.15
C VAL A 137 -10.69 5.73 24.80
N THR A 138 -11.52 4.70 24.66
CA THR A 138 -12.37 4.59 23.48
C THR A 138 -13.65 5.37 23.71
N LEU A 139 -13.87 6.41 22.92
CA LEU A 139 -15.03 7.27 23.14
C LEU A 139 -16.36 6.52 22.96
N SER A 140 -16.55 5.86 21.82
CA SER A 140 -17.73 5.03 21.63
C SER A 140 -17.39 3.58 21.36
N HIS A 141 -17.67 2.72 22.34
CA HIS A 141 -17.53 1.29 22.13
C HIS A 141 -18.87 0.58 22.36
N TYR A 142 -19.67 0.50 21.32
CA TYR A 142 -20.92 -0.29 21.29
C TYR A 142 -21.88 -0.01 22.46
N GLU A 143 -21.75 1.14 23.08
CA GLU A 143 -22.58 1.56 24.22
C GLU A 143 -23.64 2.69 24.04
N THR A 144 -24.05 2.98 22.83
CA THR A 144 -24.97 4.10 22.59
C THR A 144 -26.16 4.11 23.56
N PRO A 145 -26.45 5.28 24.15
CA PRO A 145 -27.63 5.39 25.02
C PRO A 145 -28.89 4.92 24.30
N LEU A 146 -29.67 4.06 24.96
CA LEU A 146 -30.83 3.43 24.34
C LEU A 146 -31.87 4.46 23.90
N TYR A 147 -31.98 5.55 24.66
CA TYR A 147 -32.90 6.63 24.32
C TYR A 147 -32.63 7.16 22.91
N LEU A 148 -31.35 7.38 22.59
CA LEU A 148 -30.94 7.85 21.26
C LEU A 148 -31.20 6.82 20.16
N ALA A 149 -30.91 5.56 20.46
CA ALA A 149 -31.15 4.49 19.51
C ALA A 149 -32.63 4.37 19.17
N ARG A 150 -33.49 4.45 20.18
CA ARG A 150 -34.93 4.37 19.97
C ARG A 150 -35.45 5.61 19.24
N LYS A 151 -35.14 6.78 19.78
CA LYS A 151 -35.68 8.04 19.27
C LYS A 151 -35.23 8.35 17.85
N TYR A 152 -33.91 8.26 17.60
CA TYR A 152 -33.33 8.59 16.29
C TYR A 152 -32.97 7.40 15.40
N HIS A 153 -33.13 6.18 15.91
CA HIS A 153 -32.61 4.99 15.24
C HIS A 153 -31.10 5.10 15.03
N GLY A 154 -30.44 5.74 15.97
CA GLY A 154 -28.99 5.83 15.94
C GLY A 154 -28.40 6.56 14.76
N TRP A 155 -27.29 6.04 14.26
CA TRP A 155 -26.41 6.79 13.36
C TRP A 155 -26.93 7.04 11.95
N VAL A 156 -28.08 6.46 11.61
CA VAL A 156 -28.74 6.84 10.38
C VAL A 156 -29.18 8.30 10.44
N ASP A 157 -29.41 8.82 11.64
CA ASP A 157 -29.81 10.22 11.80
C ASP A 157 -28.59 11.12 12.05
N ARG A 158 -28.48 12.21 11.29
CA ARG A 158 -27.35 13.11 11.44
C ARG A 158 -27.27 13.80 12.81
N ARG A 159 -28.38 13.86 13.54
CA ARG A 159 -28.35 14.44 14.88
C ARG A 159 -27.37 13.71 15.82
N MET A 160 -27.15 12.43 15.58
CA MET A 160 -26.16 11.68 16.37
C MET A 160 -24.82 12.42 16.37
N ILE A 161 -24.44 12.99 15.23
CA ILE A 161 -23.17 13.71 15.18
C ILE A 161 -23.14 14.73 16.32
N HIS A 162 -24.20 15.53 16.39
CA HIS A 162 -24.34 16.55 17.43
C HIS A 162 -24.22 15.89 18.81
N PHE A 163 -25.01 14.84 19.06
CA PHE A 163 -25.00 14.27 20.40
C PHE A 163 -23.63 13.72 20.70
N TYR A 164 -22.99 13.10 19.69
CA TYR A 164 -21.72 12.46 19.95
C TYR A 164 -20.75 13.57 20.30
N GLU A 165 -20.85 14.66 19.54
CA GLU A 165 -19.95 15.79 19.74
C GLU A 165 -20.14 16.34 21.15
N LYS A 166 -21.41 16.46 21.56
CA LYS A 166 -21.73 17.03 22.87
C LYS A 166 -20.97 16.18 23.89
N PHE A 167 -21.15 14.87 23.76
CA PHE A 167 -20.55 13.92 24.70
C PHE A 167 -19.03 14.04 24.69
N ALA A 168 -18.44 14.04 23.50
CA ALA A 168 -16.98 13.94 23.45
C ALA A 168 -16.35 15.22 24.01
N ARG A 169 -16.83 16.37 23.56
CA ARG A 169 -16.31 17.62 24.09
C ARG A 169 -16.34 17.53 25.62
N THR A 170 -17.47 17.06 26.13
CA THR A 170 -17.67 17.06 27.58
C THR A 170 -16.55 16.29 28.25
N VAL A 171 -16.22 15.11 27.72
CA VAL A 171 -15.20 14.31 28.40
C VAL A 171 -13.81 14.80 28.05
N LEU A 172 -13.64 15.27 26.81
CA LEU A 172 -12.33 15.73 26.34
C LEU A 172 -11.88 16.88 27.22
N GLU A 173 -12.83 17.76 27.54
CA GLU A 173 -12.54 18.89 28.42
C GLU A 173 -12.26 18.38 29.84
N ARG A 174 -13.11 17.48 30.33
CA ARG A 174 -13.05 17.10 31.73
C ARG A 174 -11.73 16.40 32.05
N TYR A 175 -11.32 15.50 31.16
CA TYR A 175 -10.13 14.68 31.35
C TYR A 175 -8.86 15.20 30.64
N LYS A 176 -8.92 16.41 30.09
CA LYS A 176 -7.83 16.93 29.26
C LYS A 176 -6.46 16.79 29.91
N ASP A 177 -6.41 16.79 31.23
CA ASP A 177 -5.15 16.56 31.91
C ASP A 177 -4.93 15.14 32.44
N LYS A 178 -5.97 14.30 32.38
CA LYS A 178 -5.85 12.91 32.80
C LYS A 178 -5.72 11.83 31.69
N VAL A 179 -6.04 12.19 30.45
CA VAL A 179 -6.03 11.22 29.35
C VAL A 179 -5.35 11.78 28.12
N LYS A 180 -4.24 11.18 27.72
CA LYS A 180 -3.53 11.58 26.50
C LYS A 180 -4.04 10.92 25.20
N TYR A 181 -4.40 9.65 25.27
CA TYR A 181 -4.74 8.85 24.08
C TYR A 181 -6.24 8.56 23.94
N TRP A 182 -6.81 8.94 22.81
CA TRP A 182 -8.24 8.70 22.60
C TRP A 182 -8.52 7.99 21.27
N LEU A 183 -9.54 7.14 21.26
CA LEU A 183 -10.05 6.55 20.04
C LEU A 183 -11.48 7.04 19.85
N THR A 184 -11.85 7.36 18.61
CA THR A 184 -13.19 7.89 18.37
C THR A 184 -14.30 6.82 18.39
N PHE A 185 -14.10 5.75 17.62
CA PHE A 185 -15.09 4.70 17.50
C PHE A 185 -14.37 3.36 17.46
N ASN A 186 -15.00 2.33 18.00
CA ASN A 186 -14.44 1.00 17.85
C ASN A 186 -15.07 0.46 16.57
N GLU A 187 -14.31 0.48 15.46
CA GLU A 187 -14.80 -0.03 14.17
C GLU A 187 -16.07 0.60 13.58
N VAL A 188 -15.96 1.76 12.96
CA VAL A 188 -17.14 2.37 12.40
C VAL A 188 -17.90 1.36 11.53
N ASN A 189 -17.16 0.58 10.77
CA ASN A 189 -17.76 -0.34 9.81
C ASN A 189 -18.45 -1.56 10.44
N SER A 190 -18.33 -1.69 11.76
CA SER A 190 -19.11 -2.68 12.51
C SER A 190 -20.56 -2.54 12.11
N VAL A 191 -20.96 -1.31 11.81
CA VAL A 191 -22.34 -1.03 11.49
C VAL A 191 -22.87 -2.00 10.43
N LEU A 192 -22.03 -2.40 9.49
CA LEU A 192 -22.48 -3.22 8.40
C LEU A 192 -23.04 -4.55 8.89
N GLU A 193 -22.33 -5.17 9.82
CA GLU A 193 -22.74 -6.44 10.40
C GLU A 193 -23.69 -6.32 11.59
N LEU A 194 -23.45 -5.31 12.42
CA LEU A 194 -24.13 -5.15 13.69
C LEU A 194 -24.76 -3.77 13.83
N PRO A 195 -25.80 -3.50 13.06
CA PRO A 195 -26.40 -2.15 12.98
C PRO A 195 -26.92 -1.68 14.33
N PHE A 196 -27.53 -2.57 15.09
CA PHE A 196 -28.02 -2.18 16.40
C PHE A 196 -26.92 -2.04 17.44
N THR A 197 -26.10 -3.07 17.60
CA THR A 197 -25.03 -3.05 18.60
C THR A 197 -24.04 -1.93 18.30
N SER A 198 -23.61 -1.86 17.04
CA SER A 198 -22.61 -0.89 16.63
C SER A 198 -23.13 0.52 16.30
N GLY A 199 -24.29 0.61 15.64
CA GLY A 199 -24.78 1.90 15.17
C GLY A 199 -25.93 2.47 15.97
N GLY A 200 -26.40 1.73 16.96
CA GLY A 200 -27.58 2.13 17.71
C GLY A 200 -28.80 2.13 16.81
N ILE A 201 -28.69 1.44 15.68
CA ILE A 201 -29.74 1.47 14.66
C ILE A 201 -30.86 0.47 14.96
N ASP A 202 -32.05 1.04 15.19
CA ASP A 202 -33.22 0.38 15.75
C ASP A 202 -33.95 -0.48 14.72
N ILE A 203 -33.79 -0.11 13.46
CA ILE A 203 -34.52 -0.69 12.35
C ILE A 203 -34.16 -2.17 12.10
N PRO A 204 -35.18 -3.02 11.89
CA PRO A 204 -34.97 -4.44 11.64
C PRO A 204 -33.96 -4.69 10.52
N LYS A 205 -33.04 -5.62 10.74
CA LYS A 205 -31.92 -5.84 9.83
C LYS A 205 -32.34 -6.00 8.36
N GLU A 206 -33.49 -6.63 8.12
CA GLU A 206 -33.93 -6.88 6.75
C GLU A 206 -34.41 -5.62 6.04
N ASN A 207 -34.74 -4.60 6.82
CA ASN A 207 -35.22 -3.33 6.27
C ASN A 207 -34.11 -2.30 6.01
N LEU A 208 -32.85 -2.70 6.19
CA LEU A 208 -31.73 -1.77 6.02
C LEU A 208 -30.96 -1.98 4.73
N SER A 209 -30.98 -0.98 3.86
CA SER A 209 -30.22 -0.99 2.62
C SER A 209 -28.73 -0.71 2.85
N LYS A 210 -27.90 -1.08 1.88
CA LYS A 210 -26.48 -0.72 1.93
C LYS A 210 -26.34 0.80 2.03
N GLN A 211 -27.20 1.51 1.30
CA GLN A 211 -27.22 2.97 1.34
C GLN A 211 -27.37 3.52 2.76
N GLU A 212 -28.31 2.98 3.52
CA GLU A 212 -28.54 3.48 4.87
C GLU A 212 -27.34 3.22 5.78
N LEU A 213 -26.76 2.03 5.68
CA LEU A 213 -25.64 1.64 6.52
C LEU A 213 -24.41 2.50 6.20
N TYR A 214 -24.09 2.63 4.92
CA TYR A 214 -22.98 3.48 4.54
C TYR A 214 -23.23 4.94 4.90
N GLN A 215 -24.48 5.38 4.86
CA GLN A 215 -24.79 6.75 5.27
C GLN A 215 -24.53 6.92 6.79
N ALA A 216 -24.96 5.95 7.58
CA ALA A 216 -24.68 5.94 9.02
C ALA A 216 -23.18 5.99 9.29
N ILE A 217 -22.44 5.19 8.52
CA ILE A 217 -20.99 5.16 8.65
C ILE A 217 -20.37 6.51 8.27
N HIS A 218 -20.90 7.13 7.23
CA HIS A 218 -20.46 8.47 6.85
C HIS A 218 -20.66 9.44 8.01
N HIS A 219 -21.82 9.37 8.64
CA HIS A 219 -22.08 10.22 9.80
C HIS A 219 -21.02 9.98 10.86
N GLU A 220 -20.70 8.71 11.10
CA GLU A 220 -19.66 8.42 12.09
C GLU A 220 -18.31 9.00 11.71
N LEU A 221 -17.89 8.82 10.46
CA LEU A 221 -16.61 9.36 10.01
C LEU A 221 -16.53 10.88 10.13
N VAL A 222 -17.60 11.55 9.76
CA VAL A 222 -17.68 13.00 9.92
C VAL A 222 -17.56 13.37 11.40
N ALA A 223 -18.25 12.61 12.23
CA ALA A 223 -18.24 12.86 13.69
C ALA A 223 -16.82 12.63 14.26
N SER A 224 -16.13 11.63 13.73
CA SER A 224 -14.76 11.32 14.14
C SER A 224 -13.82 12.48 13.82
N SER A 225 -13.97 13.02 12.61
CA SER A 225 -13.15 14.17 12.22
C SER A 225 -13.48 15.40 13.07
N LEU A 226 -14.77 15.62 13.28
CA LEU A 226 -15.21 16.75 14.07
C LEU A 226 -14.62 16.69 15.46
N VAL A 227 -14.69 15.53 16.07
CA VAL A 227 -14.17 15.37 17.40
C VAL A 227 -12.65 15.49 17.40
N THR A 228 -12.01 15.12 16.29
CA THR A 228 -10.56 15.33 16.15
C THR A 228 -10.20 16.82 16.19
N LYS A 229 -10.96 17.62 15.44
CA LYS A 229 -10.84 19.07 15.46
C LYS A 229 -10.98 19.61 16.89
N ILE A 230 -12.05 19.18 17.57
CA ILE A 230 -12.33 19.64 18.92
C ILE A 230 -11.24 19.25 19.91
N ALA A 231 -10.77 18.01 19.81
CA ALA A 231 -9.70 17.52 20.66
C ALA A 231 -8.47 18.40 20.48
N ARG A 232 -8.15 18.73 19.23
CA ARG A 232 -6.97 19.55 18.99
C ARG A 232 -7.11 20.97 19.55
N GLU A 233 -8.33 21.49 19.55
CA GLU A 233 -8.59 22.79 20.19
C GLU A 233 -8.43 22.73 21.71
N ILE A 234 -8.89 21.63 22.30
CA ILE A 234 -8.83 21.47 23.76
C ILE A 234 -7.42 21.20 24.28
N ASN A 235 -6.75 20.20 23.72
CA ASN A 235 -5.38 19.90 24.12
C ASN A 235 -4.53 19.47 22.93
N SER A 236 -3.48 20.24 22.63
CA SER A 236 -2.63 19.94 21.49
C SER A 236 -1.71 18.74 21.76
N GLU A 237 -1.69 18.26 22.99
CA GLU A 237 -0.92 17.06 23.32
C GLU A 237 -1.72 15.75 23.27
N PHE A 238 -3.04 15.86 23.12
CA PHE A 238 -3.90 14.70 22.86
C PHE A 238 -3.39 14.00 21.61
N LYS A 239 -3.44 12.67 21.58
CA LYS A 239 -3.26 11.93 20.34
C LYS A 239 -4.57 11.19 20.07
N VAL A 240 -5.11 11.37 18.88
CA VAL A 240 -6.40 10.80 18.56
C VAL A 240 -6.22 9.76 17.46
N GLY A 241 -6.94 8.65 17.56
CA GLY A 241 -6.68 7.58 16.62
C GLY A 241 -7.97 6.93 16.23
N CYS A 242 -7.94 6.20 15.12
CA CYS A 242 -9.12 5.44 14.77
C CYS A 242 -8.91 4.04 15.31
N MET A 243 -9.94 3.20 15.21
CA MET A 243 -9.85 1.81 15.64
C MET A 243 -10.53 0.98 14.55
N VAL A 244 -9.78 0.14 13.85
CA VAL A 244 -10.36 -0.71 12.82
C VAL A 244 -10.06 -2.20 13.03
N LEU A 245 -10.81 -3.05 12.35
CA LEU A 245 -10.54 -4.49 12.37
C LEU A 245 -9.44 -4.78 11.37
N ALA A 246 -8.36 -5.39 11.84
CA ALA A 246 -7.30 -5.81 10.94
C ALA A 246 -7.52 -7.27 10.55
N MET A 247 -7.60 -7.53 9.25
CA MET A 247 -7.74 -8.88 8.77
C MET A 247 -6.99 -9.12 7.48
N PRO A 248 -5.69 -9.41 7.57
CA PRO A 248 -4.92 -9.60 6.33
C PRO A 248 -5.49 -10.76 5.55
N ALA A 249 -5.56 -10.63 4.23
CA ALA A 249 -6.12 -11.69 3.40
C ALA A 249 -5.05 -12.27 2.47
N TYR A 250 -5.14 -13.57 2.21
CA TYR A 250 -4.17 -14.29 1.38
C TYR A 250 -4.91 -15.00 0.27
N PRO A 251 -4.33 -15.07 -0.94
CA PRO A 251 -5.02 -15.88 -1.96
C PRO A 251 -4.77 -17.37 -1.75
N MET A 252 -5.75 -18.21 -2.02
CA MET A 252 -5.56 -19.65 -1.86
C MET A 252 -4.52 -20.20 -2.84
N THR A 253 -4.44 -19.60 -4.02
CA THR A 253 -3.47 -20.00 -5.06
C THR A 253 -2.90 -18.76 -5.74
N PRO A 254 -1.75 -18.91 -6.45
CA PRO A 254 -1.14 -17.85 -7.27
C PRO A 254 -1.93 -17.45 -8.51
N ASN A 255 -3.05 -18.10 -8.78
CA ASN A 255 -3.93 -17.68 -9.87
C ASN A 255 -4.20 -16.17 -9.73
N PRO A 256 -3.90 -15.38 -10.78
CA PRO A 256 -4.11 -13.93 -10.61
C PRO A 256 -5.56 -13.58 -10.33
N LYS A 257 -6.50 -14.41 -10.79
CA LYS A 257 -7.90 -14.21 -10.44
C LYS A 257 -8.09 -14.24 -8.91
N ASP A 258 -7.41 -15.18 -8.24
CA ASP A 258 -7.48 -15.26 -6.77
C ASP A 258 -6.80 -14.08 -6.10
N VAL A 259 -5.67 -13.65 -6.67
CA VAL A 259 -4.92 -12.50 -6.14
C VAL A 259 -5.78 -11.24 -6.23
N TRP A 260 -6.44 -11.05 -7.36
CA TRP A 260 -7.36 -9.94 -7.52
C TRP A 260 -8.57 -10.05 -6.57
N ALA A 261 -9.14 -11.26 -6.44
CA ALA A 261 -10.25 -11.46 -5.49
C ALA A 261 -9.83 -11.06 -4.08
N THR A 262 -8.60 -11.39 -3.73
CA THR A 262 -8.04 -11.07 -2.42
C THR A 262 -7.91 -9.55 -2.24
N HIS A 263 -7.39 -8.89 -3.26
CA HIS A 263 -7.29 -7.42 -3.28
C HIS A 263 -8.66 -6.75 -3.06
N GLU A 264 -9.64 -7.21 -3.84
CA GLU A 264 -11.02 -6.73 -3.73
C GLU A 264 -11.54 -6.90 -2.31
N TYR A 265 -11.34 -8.10 -1.76
CA TYR A 265 -11.77 -8.35 -0.41
C TYR A 265 -11.18 -7.33 0.57
N GLU A 266 -9.88 -7.11 0.48
CA GLU A 266 -9.22 -6.19 1.42
C GLU A 266 -9.71 -4.75 1.29
N ASN A 267 -10.15 -4.35 0.08
CA ASN A 267 -10.69 -3.00 -0.06
C ASN A 267 -11.96 -2.72 0.76
N LEU A 268 -12.78 -3.75 0.97
CA LEU A 268 -13.98 -3.61 1.81
C LEU A 268 -13.59 -3.02 3.15
N ASN A 269 -12.45 -3.45 3.65
CA ASN A 269 -11.97 -3.00 4.95
C ASN A 269 -11.21 -1.68 4.85
N TYR A 270 -10.37 -1.58 3.81
CA TYR A 270 -9.52 -0.40 3.63
C TYR A 270 -10.31 0.86 3.42
N LEU A 271 -11.52 0.77 2.90
CA LEU A 271 -12.29 1.97 2.64
C LEU A 271 -12.34 2.89 3.86
N PHE A 272 -12.66 2.33 5.01
CA PHE A 272 -12.87 3.11 6.22
C PHE A 272 -11.57 3.67 6.80
N SER A 273 -10.55 2.82 6.88
CA SER A 273 -9.26 3.32 7.34
C SER A 273 -8.72 4.41 6.41
N ASP A 274 -8.99 4.27 5.10
CA ASP A 274 -8.59 5.29 4.13
C ASP A 274 -9.25 6.63 4.43
N VAL A 275 -10.55 6.63 4.69
CA VAL A 275 -11.15 7.91 5.08
C VAL A 275 -10.50 8.43 6.37
N HIS A 276 -10.36 7.58 7.40
CA HIS A 276 -9.78 8.01 8.68
C HIS A 276 -8.42 8.70 8.53
N VAL A 277 -7.52 8.01 7.83
CA VAL A 277 -6.14 8.45 7.67
C VAL A 277 -5.85 9.45 6.52
N ARG A 278 -6.36 9.13 5.34
CA ARG A 278 -6.12 9.92 4.15
C ARG A 278 -7.08 11.11 3.99
N GLY A 279 -8.27 10.99 4.56
CA GLY A 279 -9.21 12.12 4.63
C GLY A 279 -10.21 12.27 3.49
N TYR A 280 -10.32 11.25 2.65
CA TYR A 280 -11.29 11.29 1.55
C TYR A 280 -11.69 9.86 1.16
N TYR A 281 -12.88 9.71 0.60
CA TYR A 281 -13.32 8.41 0.14
C TYR A 281 -12.39 8.01 -1.01
N PRO A 282 -11.83 6.79 -0.94
CA PRO A 282 -10.75 6.36 -1.82
C PRO A 282 -11.21 6.12 -3.25
N ASN A 283 -10.27 6.03 -4.18
CA ASN A 283 -10.58 5.92 -5.60
C ASN A 283 -11.51 4.75 -6.00
N TYR A 284 -11.31 3.58 -5.41
CA TYR A 284 -12.11 2.38 -5.72
C TYR A 284 -13.55 2.42 -5.13
N ALA A 285 -13.76 3.37 -4.23
CA ALA A 285 -15.07 3.54 -3.64
C ALA A 285 -16.13 3.90 -4.68
N LYS A 286 -15.77 4.72 -5.66
CA LYS A 286 -16.74 5.14 -6.68
C LYS A 286 -17.37 3.93 -7.37
N ARG A 287 -16.51 3.04 -7.86
CA ARG A 287 -16.97 1.83 -8.51
C ARG A 287 -17.80 0.95 -7.56
N TYR A 288 -17.27 0.71 -6.36
CA TYR A 288 -18.01 -0.13 -5.41
C TYR A 288 -19.41 0.43 -5.07
N PHE A 289 -19.50 1.75 -4.89
CA PHE A 289 -20.75 2.41 -4.55
C PHE A 289 -21.74 2.33 -5.69
N LYS A 290 -21.26 2.53 -6.91
CA LYS A 290 -22.14 2.47 -8.08
C LYS A 290 -22.68 1.06 -8.28
N GLU A 291 -21.83 0.06 -8.07
CA GLU A 291 -22.27 -1.33 -8.21
C GLU A 291 -23.29 -1.75 -7.14
N ASN A 292 -23.17 -1.15 -5.95
CA ASN A 292 -24.03 -1.44 -4.81
C ASN A 292 -25.19 -0.48 -4.48
N ASP A 293 -25.43 0.49 -5.36
CA ASP A 293 -26.48 1.48 -5.14
C ASP A 293 -26.23 2.31 -3.89
N ILE A 294 -25.01 2.80 -3.76
CA ILE A 294 -24.62 3.65 -2.66
C ILE A 294 -24.27 5.03 -3.16
N ASN A 295 -24.97 6.03 -2.64
CA ASN A 295 -24.61 7.41 -2.92
C ASN A 295 -24.61 8.16 -1.60
N ILE A 296 -23.43 8.61 -1.18
CA ILE A 296 -23.33 9.25 0.12
C ILE A 296 -23.84 10.69 0.03
N GLU A 297 -24.69 11.09 0.97
CA GLU A 297 -25.12 12.47 1.01
C GLU A 297 -24.19 13.26 1.92
N PHE A 298 -23.41 14.14 1.32
CA PHE A 298 -22.47 15.02 2.01
C PHE A 298 -23.16 16.33 2.39
N ALA A 299 -23.02 16.74 3.65
CA ALA A 299 -23.29 18.13 3.98
C ALA A 299 -22.17 18.98 3.37
N ALA A 300 -22.42 20.27 3.21
CA ALA A 300 -21.49 21.17 2.54
C ALA A 300 -20.09 21.19 3.15
N GLU A 301 -20.01 21.06 4.48
CA GLU A 301 -18.71 21.13 5.15
C GLU A 301 -18.05 19.76 5.35
N ASP A 302 -18.74 18.69 4.98
CA ASP A 302 -18.25 17.34 5.24
C ASP A 302 -16.87 17.02 4.63
N ALA A 303 -16.74 17.21 3.31
CA ALA A 303 -15.52 16.81 2.60
C ALA A 303 -14.30 17.50 3.19
N GLU A 304 -14.43 18.79 3.50
CA GLU A 304 -13.30 19.55 4.02
C GLU A 304 -12.96 19.15 5.45
N LEU A 305 -13.98 18.80 6.21
CA LEU A 305 -13.79 18.32 7.57
C LEU A 305 -13.02 17.00 7.57
N LEU A 306 -13.46 16.08 6.72
CA LEU A 306 -12.79 14.80 6.58
C LEU A 306 -11.34 14.99 6.13
N LYS A 307 -11.13 15.91 5.19
CA LYS A 307 -9.81 16.10 4.59
C LYS A 307 -8.84 16.72 5.58
N ASN A 308 -9.33 17.73 6.31
CA ASN A 308 -8.49 18.53 7.20
C ASN A 308 -8.24 17.91 8.57
N TYR A 309 -9.15 17.08 9.04
CA TYR A 309 -8.94 16.42 10.32
C TYR A 309 -8.92 14.89 10.23
N THR A 310 -7.70 14.35 10.17
CA THR A 310 -7.47 12.94 9.99
C THR A 310 -6.74 12.47 11.24
N VAL A 311 -6.78 11.19 11.54
CA VAL A 311 -6.25 10.68 12.80
C VAL A 311 -4.74 10.80 12.95
N ASP A 312 -4.27 10.88 14.19
CA ASP A 312 -2.84 10.90 14.50
C ASP A 312 -2.24 9.49 14.43
N PHE A 313 -3.07 8.50 14.71
CA PHE A 313 -2.64 7.10 14.67
C PHE A 313 -3.77 6.14 14.35
N LEU A 314 -3.39 4.94 13.89
CA LEU A 314 -4.36 3.91 13.59
C LEU A 314 -4.19 2.79 14.61
N SER A 315 -5.29 2.43 15.27
CA SER A 315 -5.28 1.32 16.19
C SER A 315 -6.17 0.23 15.60
N PHE A 316 -5.93 -1.02 15.98
CA PHE A 316 -6.71 -2.12 15.42
C PHE A 316 -6.85 -3.31 16.34
N SER A 317 -7.88 -4.12 16.08
CA SER A 317 -7.95 -5.44 16.67
C SER A 317 -7.37 -6.43 15.67
N TYR A 318 -6.68 -7.44 16.17
CA TYR A 318 -6.23 -8.55 15.33
C TYR A 318 -6.39 -9.89 16.04
N TYR A 319 -7.05 -10.81 15.35
CA TYR A 319 -7.20 -12.18 15.78
C TYR A 319 -6.62 -13.17 14.77
N MET A 320 -6.99 -13.00 13.51
CA MET A 320 -6.63 -13.96 12.47
C MET A 320 -6.54 -13.32 11.08
N SER A 321 -5.95 -14.09 10.16
CA SER A 321 -5.98 -13.78 8.74
C SER A 321 -7.22 -14.42 8.11
N VAL A 322 -7.34 -14.30 6.79
CA VAL A 322 -8.37 -15.01 6.07
C VAL A 322 -7.84 -15.37 4.69
N THR A 323 -8.34 -16.46 4.11
CA THR A 323 -7.88 -16.89 2.79
C THR A 323 -9.04 -16.76 1.80
N GLN A 324 -8.73 -16.24 0.61
CA GLN A 324 -9.73 -15.94 -0.39
C GLN A 324 -9.47 -16.66 -1.70
N SER A 325 -10.56 -16.99 -2.40
CA SER A 325 -10.49 -17.58 -3.72
C SER A 325 -11.47 -16.85 -4.65
N ALA A 326 -11.13 -16.76 -5.93
CA ALA A 326 -12.07 -16.24 -6.91
C ALA A 326 -13.23 -17.23 -7.09
N LEU A 327 -13.02 -18.48 -6.69
CA LEU A 327 -14.02 -19.52 -6.87
C LEU A 327 -14.02 -20.50 -5.70
N PRO A 328 -14.57 -20.05 -4.59
CA PRO A 328 -14.57 -20.79 -3.31
C PRO A 328 -15.19 -22.20 -3.38
N THR A 329 -16.16 -22.41 -4.28
CA THR A 329 -16.86 -23.70 -4.34
C THR A 329 -16.02 -24.87 -4.85
N GLN A 330 -14.83 -24.59 -5.37
CA GLN A 330 -13.94 -25.67 -5.73
C GLN A 330 -13.39 -26.34 -4.46
N TYR A 331 -13.61 -25.68 -3.33
CA TYR A 331 -13.19 -26.20 -2.03
C TYR A 331 -14.42 -26.53 -1.18
N GLY A 341 -13.22 -17.11 2.94
CA GLY A 341 -14.04 -17.96 3.80
C GLY A 341 -13.62 -19.41 3.67
N LEU A 342 -12.31 -19.64 3.75
CA LEU A 342 -11.72 -20.94 3.46
C LEU A 342 -10.73 -21.28 4.54
N VAL A 343 -10.52 -22.57 4.79
CA VAL A 343 -9.56 -22.95 5.82
C VAL A 343 -8.16 -22.85 5.22
N ASN A 344 -7.26 -22.22 5.96
CA ASN A 344 -5.86 -22.15 5.55
C ASN A 344 -5.22 -23.46 5.97
N PRO A 345 -4.73 -24.26 4.99
CA PRO A 345 -4.16 -25.56 5.32
C PRO A 345 -3.03 -25.48 6.34
N TYR A 346 -2.31 -24.36 6.36
CA TYR A 346 -1.05 -24.28 7.09
C TYR A 346 -1.14 -23.74 8.53
N LEU A 347 -2.33 -23.36 8.97
CA LEU A 347 -2.49 -22.75 10.29
C LEU A 347 -2.98 -23.74 11.35
N GLU A 348 -2.46 -23.61 12.57
CA GLU A 348 -3.00 -24.34 13.73
C GLU A 348 -4.31 -23.69 14.16
N SER A 349 -5.10 -24.41 14.96
CA SER A 349 -6.34 -23.83 15.47
C SER A 349 -6.45 -23.95 16.99
N SER A 350 -7.18 -23.01 17.59
CA SER A 350 -7.41 -23.03 19.04
C SER A 350 -8.42 -24.11 19.39
N GLU A 351 -8.40 -24.52 20.66
CA GLU A 351 -9.39 -25.45 21.21
C GLU A 351 -10.80 -25.00 20.83
N TRP A 352 -11.07 -23.71 21.01
CA TRP A 352 -12.38 -23.16 20.70
C TRP A 352 -12.73 -23.24 19.21
N GLY A 353 -11.69 -23.35 18.37
CA GLY A 353 -11.88 -23.52 16.94
C GLY A 353 -11.62 -22.38 15.97
N TRP A 354 -10.97 -21.31 16.40
CA TRP A 354 -10.44 -20.29 15.47
C TRP A 354 -9.03 -20.68 15.01
N GLN A 355 -8.69 -20.41 13.76
CA GLN A 355 -7.33 -20.63 13.31
C GLN A 355 -6.43 -19.56 13.93
N ILE A 356 -5.13 -19.85 14.02
CA ILE A 356 -4.18 -18.97 14.68
C ILE A 356 -3.07 -18.60 13.70
N ASP A 357 -2.78 -17.29 13.60
CA ASP A 357 -1.84 -16.80 12.61
C ASP A 357 -0.98 -15.64 13.11
N PRO A 358 0.08 -15.94 13.87
CA PRO A 358 0.99 -14.88 14.36
C PRO A 358 1.71 -14.11 13.27
N ILE A 359 2.21 -14.81 12.25
CA ILE A 359 2.92 -14.10 11.19
C ILE A 359 2.01 -13.08 10.51
N GLY A 360 0.72 -13.40 10.45
CA GLY A 360 -0.28 -12.49 9.90
C GLY A 360 -0.29 -11.12 10.57
N LEU A 361 0.09 -11.07 11.84
CA LEU A 361 0.18 -9.80 12.57
C LEU A 361 1.34 -8.97 12.02
N ARG A 362 2.51 -9.59 11.83
CA ARG A 362 3.61 -8.89 11.15
C ARG A 362 3.16 -8.40 9.76
N ILE A 363 2.52 -9.28 9.01
CA ILE A 363 2.06 -8.92 7.66
C ILE A 363 1.14 -7.68 7.70
N ILE A 364 0.17 -7.66 8.61
CA ILE A 364 -0.80 -6.57 8.62
C ILE A 364 -0.21 -5.26 9.19
N LEU A 365 0.67 -5.37 10.18
CA LEU A 365 1.39 -4.20 10.65
C LEU A 365 2.12 -3.56 9.47
N ASN A 366 2.87 -4.37 8.73
CA ASN A 366 3.54 -3.85 7.54
C ASN A 366 2.61 -3.31 6.45
N ARG A 367 1.49 -3.99 6.17
CA ARG A 367 0.58 -3.48 5.15
C ARG A 367 0.04 -2.09 5.52
N TYR A 368 -0.38 -1.95 6.77
CA TYR A 368 -0.91 -0.65 7.23
C TYR A 368 0.19 0.41 7.20
N TYR A 369 1.37 0.09 7.70
CA TYR A 369 2.42 1.10 7.73
C TYR A 369 2.92 1.49 6.33
N ASP A 370 2.99 0.51 5.42
CA ASP A 370 3.34 0.77 4.04
C ASP A 370 2.35 1.75 3.41
N ARG A 371 1.06 1.51 3.66
CA ARG A 371 0.01 2.35 3.09
C ARG A 371 -0.05 3.78 3.67
N TYR A 372 -0.10 3.86 5.00
CA TYR A 372 -0.34 5.12 5.70
C TYR A 372 0.85 5.84 6.33
N GLN A 373 1.95 5.14 6.55
CA GLN A 373 3.11 5.76 7.21
C GLN A 373 2.79 6.57 8.49
N ILE A 374 1.88 6.08 9.33
CA ILE A 374 1.66 6.67 10.66
C ILE A 374 1.80 5.61 11.75
N PRO A 375 2.02 6.04 13.02
CA PRO A 375 2.16 5.08 14.12
C PRO A 375 0.94 4.16 14.25
N LEU A 376 1.17 2.90 14.63
CA LEU A 376 0.09 1.93 14.80
C LEU A 376 -0.02 1.54 16.27
N PHE A 377 -1.20 1.09 16.68
CA PHE A 377 -1.41 0.67 18.06
C PHE A 377 -2.23 -0.62 18.08
N ILE A 378 -1.71 -1.69 18.68
CA ILE A 378 -2.49 -2.93 18.70
C ILE A 378 -3.33 -2.87 19.97
N VAL A 379 -4.63 -2.61 19.80
CA VAL A 379 -5.50 -2.40 20.95
C VAL A 379 -6.44 -3.54 21.28
N GLU A 380 -6.50 -4.58 20.43
CA GLU A 380 -7.21 -5.79 20.80
C GLU A 380 -6.50 -7.01 20.19
N ASN A 381 -5.99 -7.91 21.04
CA ASN A 381 -5.46 -9.19 20.60
C ASN A 381 -5.48 -10.15 21.78
N GLY A 382 -5.73 -11.42 21.52
CA GLY A 382 -5.71 -12.43 22.56
C GLY A 382 -6.25 -13.77 22.12
N LEU A 383 -6.24 -14.73 23.04
CA LEU A 383 -6.76 -16.06 22.79
C LEU A 383 -7.93 -16.38 23.71
N GLY A 384 -9.10 -16.63 23.14
CA GLY A 384 -10.25 -17.10 23.90
C GLY A 384 -10.28 -18.61 24.08
N ALA A 385 -10.64 -19.03 25.28
CA ALA A 385 -10.66 -20.45 25.63
C ALA A 385 -11.57 -20.64 26.84
N LYS A 386 -12.05 -21.87 27.09
CA LYS A 386 -12.80 -22.05 28.32
C LYS A 386 -11.74 -22.42 29.33
N ASP A 387 -11.31 -21.43 30.10
CA ASP A 387 -10.28 -21.69 31.07
C ASP A 387 -10.95 -22.44 32.22
N GLN A 388 -10.22 -23.37 32.80
CA GLN A 388 -10.72 -24.10 33.96
C GLN A 388 -9.97 -23.60 35.19
N LEU A 389 -10.71 -23.11 36.18
CA LEU A 389 -10.06 -22.73 37.43
C LEU A 389 -9.85 -24.02 38.22
N ILE A 390 -8.60 -24.35 38.50
CA ILE A 390 -8.25 -25.57 39.23
C ILE A 390 -7.02 -25.36 40.11
N LYS A 391 -6.90 -26.12 41.19
CA LYS A 391 -5.78 -25.95 42.12
C LYS A 391 -4.49 -26.57 41.59
N ASP A 392 -3.40 -25.81 41.61
CA ASP A 392 -2.11 -26.33 41.21
C ASP A 392 -1.42 -27.08 42.35
N GLU A 393 -0.15 -27.39 42.17
CA GLU A 393 0.60 -28.15 43.18
C GLU A 393 0.97 -27.30 44.40
N LEU A 394 0.94 -25.99 44.21
CA LEU A 394 1.24 -25.06 45.30
C LEU A 394 0.00 -24.70 46.11
N ASN A 395 -1.12 -25.37 45.80
CA ASN A 395 -2.39 -25.16 46.49
C ASN A 395 -3.17 -23.94 45.99
N ASN A 396 -2.59 -23.21 45.04
CA ASN A 396 -3.22 -22.01 44.52
C ASN A 396 -4.21 -22.28 43.39
N LEU A 397 -5.47 -21.91 43.58
CA LEU A 397 -6.43 -21.92 42.47
C LEU A 397 -5.90 -21.01 41.35
N THR A 398 -5.82 -21.55 40.14
CA THR A 398 -5.29 -20.81 38.99
C THR A 398 -5.83 -21.41 37.70
N VAL A 399 -5.26 -21.00 36.56
CA VAL A 399 -5.58 -21.63 35.28
C VAL A 399 -4.24 -21.99 34.62
N GLN A 400 -4.12 -23.20 34.08
CA GLN A 400 -2.84 -23.49 33.47
C GLN A 400 -3.09 -23.18 32.00
N ASP A 401 -2.78 -21.93 31.68
CA ASP A 401 -3.06 -21.31 30.38
C ASP A 401 -1.90 -21.23 29.41
N ASP A 402 -0.93 -22.14 29.56
CA ASP A 402 0.22 -22.19 28.66
C ASP A 402 -0.14 -22.04 27.17
N TYR A 403 -1.34 -22.48 26.76
CA TYR A 403 -1.82 -22.18 25.41
C TYR A 403 -1.86 -20.65 25.14
N ARG A 404 -2.32 -19.91 26.15
CA ARG A 404 -2.41 -18.45 26.03
C ARG A 404 -1.03 -17.83 26.04
N ILE A 405 -0.16 -18.32 26.90
CA ILE A 405 1.22 -17.88 26.89
C ILE A 405 1.86 -18.08 25.51
N GLN A 406 1.61 -19.25 24.91
CA GLN A 406 2.22 -19.56 23.61
C GLN A 406 1.69 -18.60 22.54
N TYR A 407 0.37 -18.39 22.55
CA TYR A 407 -0.25 -17.46 21.60
C TYR A 407 0.37 -16.06 21.70
N MET A 408 0.39 -15.52 22.92
CA MET A 408 0.93 -14.18 23.13
C MET A 408 2.41 -14.08 22.79
N LYS A 409 3.19 -15.10 23.17
CA LYS A 409 4.61 -15.10 22.87
C LYS A 409 4.84 -15.02 21.36
N GLU A 410 4.18 -15.89 20.61
CA GLU A 410 4.37 -15.94 19.16
C GLU A 410 3.95 -14.62 18.49
N HIS A 411 2.77 -14.12 18.85
CA HIS A 411 2.32 -12.85 18.29
C HIS A 411 3.23 -11.66 18.65
N LEU A 412 3.70 -11.61 19.88
CA LEU A 412 4.58 -10.51 20.31
C LEU A 412 5.97 -10.61 19.67
N LEU A 413 6.39 -11.84 19.33
CA LEU A 413 7.63 -12.00 18.58
C LEU A 413 7.45 -11.45 17.16
N GLN A 414 6.25 -11.60 16.61
CA GLN A 414 5.95 -11.01 15.30
C GLN A 414 5.88 -9.47 15.35
N VAL A 415 5.36 -8.94 16.44
CA VAL A 415 5.43 -7.50 16.69
C VAL A 415 6.88 -7.05 16.72
N ALA A 416 7.75 -7.83 17.36
CA ALA A 416 9.17 -7.48 17.40
C ALA A 416 9.78 -7.46 15.98
N GLU A 417 9.43 -8.46 15.18
CA GLU A 417 9.85 -8.45 13.77
C GLU A 417 9.42 -7.14 13.08
N ALA A 418 8.15 -6.78 13.26
CA ALA A 418 7.63 -5.56 12.64
C ALA A 418 8.37 -4.30 13.10
N LEU A 419 8.77 -4.27 14.37
CA LEU A 419 9.53 -3.13 14.86
C LEU A 419 10.88 -3.07 14.16
N GLN A 420 11.51 -4.23 13.98
CA GLN A 420 12.76 -4.25 13.23
C GLN A 420 12.51 -3.86 11.78
N ASP A 421 11.31 -4.16 11.27
CA ASP A 421 10.92 -3.77 9.92
C ASP A 421 10.79 -2.24 9.78
N GLY A 422 10.89 -1.54 10.91
CA GLY A 422 10.77 -0.09 10.92
C GLY A 422 9.35 0.44 11.09
N VAL A 423 8.39 -0.45 11.30
CA VAL A 423 7.03 -0.01 11.58
C VAL A 423 6.99 0.71 12.92
N GLU A 424 6.32 1.86 12.97
CA GLU A 424 6.19 2.58 14.23
C GLU A 424 4.99 2.02 15.00
N ILE A 425 5.26 1.42 16.16
CA ILE A 425 4.22 0.79 16.97
C ILE A 425 4.21 1.38 18.39
N MET A 426 3.10 2.02 18.75
CA MET A 426 2.98 2.71 20.03
C MET A 426 2.86 1.78 21.23
N GLY A 427 2.24 0.63 21.02
CA GLY A 427 2.01 -0.28 22.13
C GLY A 427 1.10 -1.46 21.81
N TYR A 428 0.83 -2.24 22.86
CA TYR A 428 0.06 -3.47 22.78
C TYR A 428 -0.83 -3.60 24.03
N THR A 429 -2.14 -3.74 23.83
CA THR A 429 -3.05 -4.04 24.94
C THR A 429 -3.80 -5.34 24.72
N SER A 430 -3.48 -6.33 25.55
CA SER A 430 -4.13 -7.65 25.52
C SER A 430 -5.64 -7.52 25.75
N TRP A 431 -6.45 -8.10 24.86
CA TRP A 431 -7.91 -7.99 25.01
C TRP A 431 -8.44 -8.70 26.24
N GLY A 432 -9.40 -8.09 26.92
CA GLY A 432 -10.08 -8.76 28.01
C GLY A 432 -9.08 -9.21 29.05
N CYS A 433 -8.15 -8.33 29.38
CA CYS A 433 -7.06 -8.64 30.28
C CYS A 433 -7.58 -9.17 31.63
N ILE A 434 -8.74 -8.69 32.06
CA ILE A 434 -9.50 -9.34 33.10
C ILE A 434 -10.72 -9.97 32.42
N ASP A 435 -11.03 -11.23 32.70
CA ASP A 435 -12.10 -11.93 31.96
C ASP A 435 -13.35 -11.05 31.95
N CYS A 436 -13.95 -10.90 30.77
CA CYS A 436 -15.07 -9.96 30.60
C CYS A 436 -16.21 -10.64 29.86
N VAL A 437 -17.37 -10.01 29.88
CA VAL A 437 -18.52 -10.50 29.12
C VAL A 437 -18.23 -10.26 27.64
N SER A 438 -18.48 -11.26 26.81
CA SER A 438 -18.17 -11.15 25.39
C SER A 438 -19.17 -10.25 24.66
N MET A 439 -18.71 -9.61 23.60
CA MET A 439 -19.58 -8.76 22.79
C MET A 439 -20.54 -9.61 21.95
N SER A 440 -20.00 -10.55 21.21
CA SER A 440 -20.82 -11.30 20.26
C SER A 440 -21.98 -12.05 20.93
N THR A 441 -21.66 -12.83 21.95
CA THR A 441 -22.67 -13.65 22.65
C THR A 441 -23.13 -13.20 24.05
N ALA A 442 -22.49 -12.17 24.60
CA ALA A 442 -22.71 -11.82 26.01
C ALA A 442 -22.54 -13.01 26.98
N GLN A 443 -21.46 -13.77 26.79
CA GLN A 443 -21.14 -14.91 27.66
C GLN A 443 -19.84 -14.66 28.42
N LEU A 444 -19.70 -15.30 29.57
CA LEU A 444 -18.42 -15.28 30.27
C LEU A 444 -17.50 -16.50 30.05
N SER A 445 -18.02 -17.59 29.50
CA SER A 445 -17.27 -18.85 29.52
C SER A 445 -16.08 -18.88 28.55
N LYS A 446 -16.13 -18.07 27.51
CA LYS A 446 -14.98 -17.97 26.62
C LYS A 446 -14.12 -16.82 27.12
N ARG A 447 -12.95 -17.15 27.65
CA ARG A 447 -12.16 -16.21 28.43
C ARG A 447 -10.89 -15.78 27.74
N TYR A 448 -10.64 -14.47 27.76
CA TYR A 448 -9.41 -13.92 27.21
C TYR A 448 -8.37 -13.50 28.23
N GLY A 449 -8.75 -13.54 29.51
CA GLY A 449 -7.99 -12.78 30.49
C GLY A 449 -6.68 -13.35 30.98
N LEU A 450 -5.83 -12.48 31.49
CA LEU A 450 -4.71 -12.89 32.33
C LEU A 450 -5.23 -13.13 33.76
N ILE A 451 -6.40 -12.58 34.04
CA ILE A 451 -7.02 -12.70 35.36
C ILE A 451 -8.36 -13.40 35.22
N TYR A 452 -8.49 -14.55 35.88
CA TYR A 452 -9.73 -15.28 35.87
C TYR A 452 -10.71 -14.63 36.85
N VAL A 453 -11.96 -14.53 36.44
CA VAL A 453 -13.01 -13.98 37.30
C VAL A 453 -14.05 -15.04 37.49
N ASP A 454 -14.43 -15.33 38.73
CA ASP A 454 -15.33 -16.44 38.90
C ASP A 454 -16.77 -15.93 38.86
N ARG A 455 -17.32 -16.01 37.66
CA ARG A 455 -18.73 -15.81 37.40
C ARG A 455 -18.95 -16.60 36.13
N ASN A 456 -20.13 -17.19 36.00
CA ASN A 456 -20.38 -18.12 34.91
C ASN A 456 -21.51 -17.65 34.01
N ASP A 457 -21.79 -18.40 32.95
CA ASP A 457 -22.75 -17.95 31.94
C ASP A 457 -24.14 -17.69 32.53
N ASP A 458 -24.47 -18.42 33.60
CA ASP A 458 -25.77 -18.24 34.28
C ASP A 458 -25.74 -17.15 35.35
N GLY A 459 -24.58 -16.53 35.55
CA GLY A 459 -24.48 -15.43 36.49
C GLY A 459 -23.92 -15.81 37.86
N SER A 460 -23.79 -17.12 38.08
CA SER A 460 -23.35 -17.66 39.37
C SER A 460 -21.87 -17.40 39.65
N GLY A 461 -21.46 -17.59 40.92
CA GLY A 461 -20.07 -17.50 41.34
C GLY A 461 -19.75 -16.34 42.27
N THR A 462 -18.54 -16.39 42.86
CA THR A 462 -18.12 -15.42 43.87
C THR A 462 -17.69 -14.07 43.32
N LEU A 463 -17.37 -14.04 42.04
CA LEU A 463 -16.79 -12.90 41.39
C LEU A 463 -15.39 -12.56 41.90
N ASN A 464 -14.77 -13.48 42.64
CA ASN A 464 -13.36 -13.32 43.02
C ASN A 464 -12.44 -13.42 41.79
N ARG A 465 -11.25 -12.84 41.92
CA ARG A 465 -10.25 -12.82 40.85
C ARG A 465 -9.07 -13.72 41.17
N TYR A 466 -8.46 -14.31 40.14
CA TYR A 466 -7.36 -15.25 40.31
C TYR A 466 -6.31 -15.05 39.22
N LYS A 467 -5.04 -14.96 39.61
CA LYS A 467 -3.96 -14.86 38.64
C LYS A 467 -3.88 -16.17 37.87
N LYS A 468 -3.98 -16.08 36.55
CA LYS A 468 -3.69 -17.21 35.66
C LYS A 468 -2.19 -17.38 35.51
N MET A 469 -1.74 -18.55 35.05
CA MET A 469 -0.32 -18.73 34.75
C MET A 469 0.21 -17.62 33.83
N SER A 470 -0.60 -17.18 32.87
CA SER A 470 -0.19 -16.12 31.92
C SER A 470 0.08 -14.77 32.58
N PHE A 471 -0.52 -14.56 33.75
CA PHE A 471 -0.32 -13.34 34.52
C PHE A 471 1.17 -13.13 34.78
N THR A 472 1.84 -14.16 35.27
CA THR A 472 3.23 -14.05 35.70
C THR A 472 4.16 -13.89 34.49
N TRP A 473 3.87 -14.67 33.46
CA TRP A 473 4.65 -14.60 32.23
C TRP A 473 4.54 -13.18 31.60
N TYR A 474 3.32 -12.65 31.50
CA TYR A 474 3.11 -11.34 30.89
C TYR A 474 3.75 -10.24 31.73
N LYS A 475 3.69 -10.41 33.05
CA LYS A 475 4.40 -9.54 33.98
C LYS A 475 5.89 -9.48 33.62
N GLU A 476 6.48 -10.65 33.36
CA GLU A 476 7.90 -10.71 33.01
C GLU A 476 8.19 -10.08 31.64
N VAL A 477 7.27 -10.27 30.69
CA VAL A 477 7.42 -9.64 29.39
C VAL A 477 7.46 -8.12 29.55
N ILE A 478 6.45 -7.57 30.23
CA ILE A 478 6.37 -6.12 30.39
C ILE A 478 7.55 -5.56 31.15
N GLU A 479 7.91 -6.19 32.25
CA GLU A 479 8.97 -5.64 33.10
C GLU A 479 10.35 -5.70 32.43
N SER A 480 10.51 -6.64 31.50
CA SER A 480 11.75 -6.70 30.72
C SER A 480 11.64 -5.88 29.43
N ASN A 481 10.51 -5.22 29.23
CA ASN A 481 10.20 -4.52 27.98
C ASN A 481 10.40 -5.40 26.76
N GLY A 482 9.89 -6.63 26.84
CA GLY A 482 9.88 -7.54 25.72
C GLY A 482 11.10 -8.42 25.64
N GLU A 483 12.14 -8.06 26.39
CA GLU A 483 13.39 -8.80 26.33
C GLU A 483 13.24 -10.26 26.71
N SER A 484 12.27 -10.57 27.55
CA SER A 484 12.07 -11.95 27.99
C SER A 484 11.52 -12.81 26.85
N LEU A 485 11.00 -12.17 25.81
CA LEU A 485 10.46 -12.90 24.67
C LEU A 485 11.56 -13.67 23.94
N PHE A 486 12.79 -13.20 24.08
CA PHE A 486 13.92 -13.83 23.39
C PHE A 486 14.76 -14.70 24.34
N THR B 18 -17.18 7.23 -22.01
CA THR B 18 -16.13 6.26 -22.33
C THR B 18 -15.26 5.93 -21.11
N ILE B 19 -14.76 4.70 -21.07
CA ILE B 19 -13.84 4.28 -20.01
C ILE B 19 -12.53 5.05 -20.05
N PHE B 20 -11.94 5.19 -21.23
CA PHE B 20 -10.67 5.89 -21.35
C PHE B 20 -10.88 7.41 -21.37
N PRO B 21 -10.07 8.14 -20.59
CA PRO B 21 -10.20 9.60 -20.54
C PRO B 21 -9.97 10.21 -21.92
N ASP B 22 -10.54 11.37 -22.19
CA ASP B 22 -10.42 11.98 -23.51
C ASP B 22 -9.00 12.49 -23.74
N ASP B 23 -8.30 12.77 -22.66
CA ASP B 23 -6.91 13.22 -22.75
C ASP B 23 -5.89 12.07 -22.65
N PHE B 24 -6.37 10.84 -22.67
CA PHE B 24 -5.49 9.67 -22.60
C PHE B 24 -4.46 9.67 -23.74
N LEU B 25 -3.20 9.42 -23.39
CA LEU B 25 -2.11 9.41 -24.38
C LEU B 25 -1.84 8.00 -24.94
N TRP B 26 -2.00 7.84 -26.24
CA TRP B 26 -1.80 6.55 -26.92
C TRP B 26 -0.57 6.64 -27.79
N GLY B 27 0.29 5.63 -27.74
CA GLY B 27 1.54 5.77 -28.47
C GLY B 27 2.45 4.57 -28.48
N GLY B 28 3.73 4.86 -28.67
CA GLY B 28 4.73 3.84 -28.78
C GLY B 28 5.97 4.39 -28.14
N ALA B 29 6.94 3.52 -27.88
CA ALA B 29 8.12 3.89 -27.13
C ALA B 29 9.32 3.15 -27.65
N VAL B 30 10.46 3.84 -27.69
CA VAL B 30 11.75 3.23 -27.99
C VAL B 30 12.80 3.91 -27.13
N ALA B 31 14.04 3.44 -27.24
CA ALA B 31 15.20 4.19 -26.75
C ALA B 31 16.06 4.58 -27.95
N ALA B 32 16.78 5.70 -27.85
CA ALA B 32 17.56 6.23 -28.97
C ALA B 32 18.54 5.19 -29.49
N ASN B 33 19.36 4.64 -28.60
CA ASN B 33 20.37 3.69 -29.01
C ASN B 33 19.80 2.44 -29.69
N GLN B 34 18.53 2.13 -29.43
CA GLN B 34 17.96 0.90 -29.97
C GLN B 34 17.42 1.08 -31.39
N VAL B 35 17.36 2.34 -31.85
CA VAL B 35 16.80 2.68 -33.17
C VAL B 35 17.70 3.55 -34.09
N GLU B 36 18.10 4.72 -33.58
CA GLU B 36 18.75 5.77 -34.39
C GLU B 36 19.88 5.36 -35.33
N GLY B 37 20.82 4.54 -34.87
CA GLY B 37 22.03 4.30 -35.64
C GLY B 37 22.89 5.55 -35.68
N ALA B 38 23.58 5.78 -36.80
CA ALA B 38 24.41 6.98 -36.95
C ALA B 38 25.24 7.24 -35.70
N TYR B 39 25.88 6.19 -35.19
CA TYR B 39 26.57 6.27 -33.90
C TYR B 39 27.80 7.17 -33.97
N ASN B 40 28.34 7.33 -35.17
CA ASN B 40 29.49 8.17 -35.45
C ASN B 40 29.21 9.54 -36.10
N GLU B 41 27.94 9.89 -36.28
CA GLU B 41 27.59 11.06 -37.08
C GLU B 41 27.35 12.33 -36.29
N ASP B 42 27.72 13.45 -36.91
CA ASP B 42 27.43 14.79 -36.40
C ASP B 42 28.05 15.02 -35.02
N GLY B 43 29.18 14.38 -34.81
CA GLY B 43 29.98 14.63 -33.62
C GLY B 43 29.56 13.83 -32.41
N LYS B 44 28.71 12.81 -32.62
CA LYS B 44 28.26 11.97 -31.51
C LYS B 44 29.42 11.19 -30.94
N GLY B 45 29.54 11.23 -29.62
CA GLY B 45 30.54 10.44 -28.93
C GLY B 45 30.05 9.02 -28.72
N LEU B 46 30.97 8.12 -28.41
CA LEU B 46 30.63 6.73 -28.15
C LEU B 46 29.85 6.61 -26.85
N SER B 47 28.84 5.74 -26.84
CA SER B 47 28.11 5.39 -25.62
C SER B 47 28.52 3.98 -25.18
N VAL B 48 27.98 3.53 -24.06
CA VAL B 48 28.25 2.17 -23.61
C VAL B 48 27.67 1.16 -24.62
N GLN B 49 26.60 1.54 -25.28
CA GLN B 49 25.90 0.63 -26.18
C GLN B 49 26.73 0.34 -27.43
N ASP B 50 27.63 1.27 -27.77
CA ASP B 50 28.49 1.08 -28.94
C ASP B 50 29.58 0.05 -28.70
N VAL B 51 29.81 -0.34 -27.46
CA VAL B 51 30.75 -1.44 -27.18
C VAL B 51 30.04 -2.70 -26.67
N LEU B 52 28.72 -2.78 -26.86
CA LEU B 52 27.92 -3.91 -26.41
C LEU B 52 27.22 -4.64 -27.57
N PRO B 53 28.02 -5.38 -28.36
CA PRO B 53 27.49 -6.04 -29.56
C PRO B 53 26.55 -7.20 -29.23
N LYS B 54 26.73 -7.76 -28.04
CA LYS B 54 25.87 -8.80 -27.48
C LYS B 54 24.83 -8.32 -26.44
N GLY B 55 24.70 -7.01 -26.29
CA GLY B 55 23.66 -6.43 -25.44
C GLY B 55 24.03 -6.39 -23.98
N GLY B 56 23.07 -6.06 -23.12
CA GLY B 56 23.32 -5.95 -21.69
C GLY B 56 23.88 -7.20 -21.03
N LEU B 57 23.47 -8.37 -21.50
CA LEU B 57 23.90 -9.63 -20.90
C LEU B 57 25.28 -10.07 -21.40
N GLY B 58 25.73 -9.47 -22.49
CA GLY B 58 27.01 -9.83 -23.08
C GLY B 58 28.14 -8.93 -22.61
N GLU B 59 29.37 -9.33 -22.93
CA GLU B 59 30.57 -8.59 -22.58
C GLU B 59 30.81 -7.38 -23.49
N ALA B 60 31.60 -6.42 -23.01
CA ALA B 60 31.93 -5.23 -23.78
C ALA B 60 33.16 -5.45 -24.64
N THR B 61 33.14 -4.89 -25.85
CA THR B 61 34.33 -4.84 -26.69
C THR B 61 35.23 -3.65 -26.35
N GLU B 62 36.51 -3.76 -26.65
CA GLU B 62 37.44 -2.65 -26.40
C GLU B 62 37.02 -1.44 -27.23
N ASN B 63 36.70 -1.70 -28.49
CA ASN B 63 36.24 -0.66 -29.40
C ASN B 63 35.01 -1.16 -30.12
N PRO B 64 34.24 -0.25 -30.74
CA PRO B 64 33.04 -0.72 -31.43
C PRO B 64 33.37 -1.74 -32.51
N THR B 65 32.53 -2.76 -32.67
CA THR B 65 32.73 -3.77 -33.70
C THR B 65 31.56 -3.78 -34.67
N GLU B 66 31.79 -4.24 -35.89
CA GLU B 66 30.83 -4.15 -36.98
C GLU B 66 29.56 -4.99 -36.75
N ASP B 67 29.69 -6.04 -35.94
CA ASP B 67 28.58 -6.94 -35.68
C ASP B 67 27.66 -6.37 -34.61
N ASN B 68 27.99 -5.19 -34.11
CA ASN B 68 27.11 -4.51 -33.17
C ASN B 68 26.01 -3.83 -33.99
N LEU B 69 24.78 -4.30 -33.81
CA LEU B 69 23.65 -3.82 -34.62
C LEU B 69 23.24 -2.40 -34.27
N LYS B 70 23.67 -1.91 -33.11
CA LYS B 70 23.31 -0.55 -32.71
C LYS B 70 24.07 0.53 -33.49
N LEU B 71 25.14 0.15 -34.17
CA LEU B 71 25.85 1.12 -35.00
C LEU B 71 24.90 1.71 -36.04
N ILE B 72 24.25 0.82 -36.78
CA ILE B 72 23.21 1.21 -37.74
C ILE B 72 21.79 1.33 -37.16
N GLY B 73 21.50 0.50 -36.17
CA GLY B 73 20.15 0.44 -35.63
C GLY B 73 19.15 0.12 -36.72
N ILE B 74 18.03 0.82 -36.71
CA ILE B 74 17.11 0.85 -37.86
C ILE B 74 17.27 2.12 -38.69
N ASP B 75 18.32 2.90 -38.42
CA ASP B 75 18.62 4.14 -39.12
C ASP B 75 17.51 5.17 -38.95
N PHE B 76 16.84 5.11 -37.80
CA PHE B 76 15.81 6.08 -37.44
C PHE B 76 16.35 7.51 -37.51
N TYR B 77 17.64 7.66 -37.22
CA TYR B 77 18.29 8.97 -37.26
C TYR B 77 18.03 9.68 -38.60
N HIS B 78 18.16 8.95 -39.71
CA HIS B 78 17.81 9.47 -41.03
C HIS B 78 16.38 9.20 -41.52
N LYS B 79 15.71 8.19 -40.96
CA LYS B 79 14.39 7.76 -41.47
C LYS B 79 13.18 8.25 -40.68
N TYR B 80 13.45 9.06 -39.67
CA TYR B 80 12.43 9.46 -38.72
C TYR B 80 11.18 10.08 -39.33
N LYS B 81 11.29 10.76 -40.47
CA LYS B 81 10.09 11.39 -41.06
C LYS B 81 9.09 10.39 -41.62
N GLU B 82 9.59 9.36 -42.30
CA GLU B 82 8.72 8.31 -42.80
C GLU B 82 8.17 7.51 -41.63
N ASP B 83 9.06 7.12 -40.72
CA ASP B 83 8.59 6.39 -39.53
C ASP B 83 7.46 7.16 -38.85
N ILE B 84 7.71 8.44 -38.59
CA ILE B 84 6.76 9.30 -37.91
C ILE B 84 5.47 9.44 -38.72
N SER B 85 5.58 9.31 -40.03
CA SER B 85 4.39 9.29 -40.86
C SER B 85 3.54 8.08 -40.52
N LEU B 86 4.19 6.92 -40.37
CA LEU B 86 3.48 5.72 -39.93
C LEU B 86 2.86 5.86 -38.51
N PHE B 87 3.65 6.38 -37.57
CA PHE B 87 3.13 6.62 -36.22
C PHE B 87 1.86 7.46 -36.34
N SER B 88 1.92 8.47 -37.19
CA SER B 88 0.80 9.37 -37.37
C SER B 88 -0.41 8.68 -37.97
N GLU B 89 -0.19 7.74 -38.89
CA GLU B 89 -1.32 7.04 -39.49
C GLU B 89 -2.00 6.14 -38.48
N MET B 90 -1.23 5.56 -37.56
CA MET B 90 -1.85 4.83 -36.46
C MET B 90 -2.62 5.76 -35.54
N GLY B 91 -2.27 7.03 -35.56
CA GLY B 91 -2.96 7.99 -34.73
C GLY B 91 -2.34 8.26 -33.36
N PHE B 92 -1.06 7.95 -33.20
CA PHE B 92 -0.37 8.27 -31.95
C PHE B 92 -0.60 9.72 -31.55
N ASN B 93 -0.96 9.98 -30.29
CA ASN B 93 -0.79 11.34 -29.78
C ASN B 93 0.42 11.51 -28.88
N VAL B 94 1.20 10.44 -28.72
CA VAL B 94 2.42 10.51 -27.93
C VAL B 94 3.48 9.58 -28.50
N PHE B 95 4.73 9.96 -28.35
CA PHE B 95 5.83 9.09 -28.75
C PHE B 95 6.94 9.22 -27.72
N ARG B 96 7.31 8.10 -27.12
CA ARG B 96 8.39 8.06 -26.15
C ARG B 96 9.72 7.68 -26.78
N THR B 97 10.75 8.47 -26.50
CA THR B 97 12.09 8.09 -26.89
C THR B 97 13.06 8.73 -25.91
N SER B 98 14.34 8.45 -26.09
CA SER B 98 15.34 9.01 -25.21
C SER B 98 16.12 10.04 -26.02
N ILE B 99 16.71 11.02 -25.35
CA ILE B 99 17.68 11.89 -26.00
C ILE B 99 19.04 11.27 -25.73
N ALA B 100 19.81 10.98 -26.77
CA ALA B 100 21.07 10.28 -26.54
C ALA B 100 22.09 11.26 -25.93
N TRP B 101 22.51 10.97 -24.71
CA TRP B 101 23.42 11.80 -23.94
C TRP B 101 24.70 12.13 -24.72
N SER B 102 25.22 11.14 -25.42
CA SER B 102 26.48 11.28 -26.15
C SER B 102 26.36 12.11 -27.42
N ARG B 103 25.14 12.45 -27.81
CA ARG B 103 24.92 13.38 -28.91
C ARG B 103 25.03 14.83 -28.45
N ILE B 104 24.58 15.09 -27.24
CA ILE B 104 24.65 16.43 -26.65
C ILE B 104 26.02 16.68 -26.01
N PHE B 105 26.52 15.69 -25.28
CA PHE B 105 27.85 15.79 -24.68
C PHE B 105 28.66 14.55 -25.00
N PRO B 106 29.37 14.59 -26.14
CA PRO B 106 30.04 13.41 -26.69
C PRO B 106 30.93 12.68 -25.68
N LYS B 107 31.82 13.40 -25.00
CA LYS B 107 32.59 12.83 -23.89
C LYS B 107 31.79 12.90 -22.57
N GLY B 108 30.98 13.94 -22.45
CA GLY B 108 30.19 14.23 -21.26
C GLY B 108 30.74 15.37 -20.41
N ASP B 109 32.04 15.62 -20.53
CA ASP B 109 32.68 16.69 -19.74
C ASP B 109 32.85 18.03 -20.49
N GLU B 110 32.29 18.14 -21.69
CA GLU B 110 32.43 19.38 -22.46
C GLU B 110 31.82 20.58 -21.75
N GLU B 111 32.40 21.76 -21.97
CA GLU B 111 31.87 22.98 -21.38
C GLU B 111 30.61 23.40 -22.12
N GLU B 112 30.59 23.11 -23.42
CA GLU B 112 29.45 23.48 -24.26
C GLU B 112 28.84 22.25 -24.90
N PRO B 113 27.52 22.29 -25.13
CA PRO B 113 26.84 21.15 -25.77
C PRO B 113 27.21 21.04 -27.22
N ASN B 114 26.96 19.88 -27.82
CA ASN B 114 27.15 19.71 -29.26
C ASN B 114 25.90 20.21 -29.98
N GLU B 115 26.07 21.26 -30.78
CA GLU B 115 24.92 21.94 -31.38
C GLU B 115 24.20 21.10 -32.43
N ALA B 116 24.94 20.28 -33.17
CA ALA B 116 24.35 19.40 -34.16
C ALA B 116 23.41 18.36 -33.50
N GLY B 117 23.75 17.93 -32.29
CA GLY B 117 22.86 17.05 -31.54
C GLY B 117 21.55 17.74 -31.17
N LEU B 118 21.68 18.95 -30.61
CA LEU B 118 20.53 19.72 -30.18
C LEU B 118 19.62 20.04 -31.36
N LYS B 119 20.24 20.31 -32.51
CA LYS B 119 19.53 20.61 -33.74
C LYS B 119 18.77 19.37 -34.23
N TYR B 120 19.45 18.23 -34.22
CA TYR B 120 18.76 16.98 -34.56
C TYR B 120 17.48 16.80 -33.73
N TYR B 121 17.58 16.92 -32.40
CA TYR B 121 16.36 16.69 -31.62
C TYR B 121 15.31 17.79 -31.83
N ASP B 122 15.77 19.00 -32.12
CA ASP B 122 14.85 20.07 -32.50
C ASP B 122 14.00 19.61 -33.67
N GLU B 123 14.67 19.10 -34.70
CA GLU B 123 13.98 18.62 -35.90
C GLU B 123 13.06 17.45 -35.61
N LEU B 124 13.54 16.47 -34.84
CA LEU B 124 12.72 15.33 -34.46
C LEU B 124 11.42 15.77 -33.80
N PHE B 125 11.54 16.56 -32.73
CA PHE B 125 10.38 17.04 -32.00
C PHE B 125 9.45 17.86 -32.88
N ASP B 126 10.02 18.75 -33.71
CA ASP B 126 9.19 19.54 -34.60
C ASP B 126 8.36 18.63 -35.49
N GLU B 127 9.00 17.60 -36.04
CA GLU B 127 8.32 16.67 -36.94
C GLU B 127 7.19 15.96 -36.22
N LEU B 128 7.46 15.56 -34.98
CA LEU B 128 6.42 14.96 -34.14
C LEU B 128 5.22 15.91 -33.93
N HIS B 129 5.51 17.15 -33.58
CA HIS B 129 4.43 18.11 -33.33
C HIS B 129 3.64 18.42 -34.59
N ALA B 130 4.33 18.34 -35.73
CA ALA B 130 3.71 18.57 -37.04
C ALA B 130 2.59 17.58 -37.29
N HIS B 131 2.70 16.39 -36.69
CA HIS B 131 1.65 15.39 -36.83
C HIS B 131 0.68 15.28 -35.65
N GLY B 132 0.83 16.16 -34.66
CA GLY B 132 -0.05 16.15 -33.50
C GLY B 132 0.43 15.17 -32.43
N ILE B 133 1.72 14.91 -32.43
CA ILE B 133 2.32 13.93 -31.54
C ILE B 133 3.20 14.60 -30.50
N GLU B 134 2.87 14.42 -29.22
CA GLU B 134 3.67 14.94 -28.12
C GLU B 134 4.85 14.03 -27.80
N PRO B 135 6.04 14.61 -27.69
CA PRO B 135 7.24 13.89 -27.25
C PRO B 135 7.16 13.51 -25.77
N LEU B 136 7.71 12.34 -25.45
CA LEU B 136 7.87 11.93 -24.07
C LEU B 136 9.31 11.46 -23.99
N VAL B 137 10.09 12.17 -23.18
CA VAL B 137 11.54 12.06 -23.26
C VAL B 137 12.17 11.43 -22.02
N THR B 138 12.76 10.25 -22.21
CA THR B 138 13.59 9.64 -21.18
C THR B 138 14.96 10.26 -21.25
N LEU B 139 15.40 10.92 -20.17
CA LEU B 139 16.69 11.62 -20.20
C LEU B 139 17.87 10.67 -20.30
N SER B 140 17.89 9.67 -19.42
CA SER B 140 18.94 8.65 -19.49
C SER B 140 18.34 7.27 -19.69
N HIS B 141 18.50 6.69 -20.90
CA HIS B 141 18.10 5.32 -21.09
C HIS B 141 19.31 4.48 -21.54
N TYR B 142 20.07 3.97 -20.57
CA TYR B 142 21.23 3.10 -20.80
C TYR B 142 22.23 3.63 -21.86
N GLU B 143 22.28 4.95 -22.00
CA GLU B 143 23.08 5.64 -23.04
C GLU B 143 24.37 6.35 -22.64
N THR B 144 24.84 6.12 -21.42
CA THR B 144 25.94 6.89 -20.85
C THR B 144 27.13 7.03 -21.80
N PRO B 145 27.67 8.26 -21.93
CA PRO B 145 28.87 8.43 -22.75
C PRO B 145 29.96 7.47 -22.28
N LEU B 146 30.61 6.80 -23.22
CA LEU B 146 31.62 5.79 -22.89
C LEU B 146 32.80 6.39 -22.14
N TYR B 147 33.16 7.62 -22.50
CA TYR B 147 34.24 8.34 -21.84
C TYR B 147 34.02 8.47 -20.33
N LEU B 148 32.81 8.87 -19.95
CA LEU B 148 32.44 8.95 -18.54
C LEU B 148 32.52 7.59 -17.85
N ALA B 149 32.07 6.55 -18.55
CA ALA B 149 32.13 5.20 -18.01
C ALA B 149 33.56 4.73 -17.76
N ARG B 150 34.44 4.96 -18.73
CA ARG B 150 35.82 4.47 -18.64
C ARG B 150 36.66 5.32 -17.68
N LYS B 151 36.41 6.62 -17.68
CA LYS B 151 37.14 7.54 -16.79
C LYS B 151 36.70 7.49 -15.32
N TYR B 152 35.39 7.56 -15.09
CA TYR B 152 34.85 7.57 -13.71
C TYR B 152 34.27 6.25 -13.19
N HIS B 153 34.24 5.22 -14.04
CA HIS B 153 33.52 4.00 -13.72
C HIS B 153 32.04 4.32 -13.49
N GLY B 154 31.52 5.27 -14.26
CA GLY B 154 30.11 5.59 -14.25
C GLY B 154 29.58 6.10 -12.93
N TRP B 155 28.37 5.66 -12.59
CA TRP B 155 27.64 6.23 -11.46
C TRP B 155 28.13 5.88 -10.06
N VAL B 156 29.13 5.01 -9.95
CA VAL B 156 29.74 4.79 -8.65
C VAL B 156 30.43 6.08 -8.22
N ASP B 157 30.65 6.98 -9.17
CA ASP B 157 31.34 8.24 -8.92
C ASP B 157 30.37 9.41 -8.87
N ARG B 158 30.36 10.12 -7.75
CA ARG B 158 29.39 11.18 -7.53
C ARG B 158 29.50 12.32 -8.55
N ARG B 159 30.67 12.43 -9.19
CA ARG B 159 30.87 13.44 -10.22
C ARG B 159 29.84 13.29 -11.34
N MET B 160 29.33 12.06 -11.51
CA MET B 160 28.32 11.81 -12.52
C MET B 160 27.11 12.73 -12.35
N ILE B 161 26.74 13.00 -11.10
CA ILE B 161 25.62 13.90 -10.84
C ILE B 161 25.81 15.21 -11.62
N HIS B 162 26.98 15.83 -11.47
CA HIS B 162 27.18 17.11 -12.15
C HIS B 162 27.01 16.92 -13.67
N PHE B 163 27.65 15.88 -14.22
CA PHE B 163 27.61 15.69 -15.66
C PHE B 163 26.15 15.57 -16.09
N TYR B 164 25.39 14.79 -15.33
CA TYR B 164 24.00 14.52 -15.70
C TYR B 164 23.22 15.83 -15.61
N GLU B 165 23.50 16.58 -14.54
CA GLU B 165 22.82 17.84 -14.34
C GLU B 165 23.04 18.71 -15.58
N LYS B 166 24.29 18.74 -16.04
CA LYS B 166 24.66 19.65 -17.12
C LYS B 166 23.90 19.25 -18.36
N PHE B 167 23.79 17.93 -18.53
CA PHE B 167 23.08 17.37 -19.66
C PHE B 167 21.63 17.79 -19.54
N ALA B 168 21.01 17.48 -18.40
CA ALA B 168 19.58 17.71 -18.25
C ALA B 168 19.22 19.17 -18.48
N ARG B 169 19.91 20.05 -17.76
CA ARG B 169 19.61 21.48 -17.89
C ARG B 169 19.65 21.86 -19.36
N THR B 170 20.73 21.44 -20.04
CA THR B 170 20.93 21.86 -21.42
C THR B 170 19.66 21.55 -22.17
N VAL B 171 19.20 20.29 -22.07
CA VAL B 171 18.05 19.89 -22.87
C VAL B 171 16.72 20.44 -22.33
N LEU B 172 16.58 20.52 -21.01
CA LEU B 172 15.32 21.03 -20.47
C LEU B 172 15.09 22.44 -20.98
N GLU B 173 16.13 23.26 -20.89
CA GLU B 173 16.07 24.63 -21.38
C GLU B 173 15.82 24.64 -22.89
N ARG B 174 16.52 23.79 -23.63
CA ARG B 174 16.47 23.90 -25.09
C ARG B 174 15.08 23.52 -25.60
N TYR B 175 14.52 22.45 -25.04
CA TYR B 175 13.24 21.92 -25.50
C TYR B 175 12.02 22.37 -24.70
N LYS B 176 12.23 23.34 -23.79
CA LYS B 176 11.22 23.71 -22.82
C LYS B 176 9.84 24.06 -23.40
N ASP B 177 9.79 24.48 -24.66
CA ASP B 177 8.49 24.66 -25.30
C ASP B 177 8.08 23.50 -26.21
N LYS B 178 8.98 22.56 -26.43
CA LYS B 178 8.66 21.38 -27.25
C LYS B 178 8.36 20.05 -26.54
N VAL B 179 8.72 19.94 -25.27
CA VAL B 179 8.54 18.69 -24.54
C VAL B 179 7.92 18.93 -23.18
N LYS B 180 6.73 18.42 -22.99
CA LYS B 180 6.01 18.52 -21.73
C LYS B 180 6.37 17.43 -20.72
N TYR B 181 6.60 16.22 -21.23
CA TYR B 181 6.77 15.01 -20.40
C TYR B 181 8.18 14.46 -20.39
N TRP B 182 8.76 14.40 -19.19
CA TRP B 182 10.12 13.91 -19.04
C TRP B 182 10.21 12.77 -18.02
N LEU B 183 11.12 11.84 -18.28
CA LEU B 183 11.51 10.81 -17.34
C LEU B 183 13.00 10.96 -17.07
N THR B 184 13.39 10.86 -15.81
CA THR B 184 14.79 11.07 -15.44
C THR B 184 15.72 9.89 -15.75
N PHE B 185 15.33 8.69 -15.32
CA PHE B 185 16.15 7.50 -15.54
C PHE B 185 15.26 6.33 -15.94
N ASN B 186 15.74 5.45 -16.82
CA ASN B 186 14.95 4.26 -17.08
C ASN B 186 15.39 3.23 -16.04
N GLU B 187 14.59 3.03 -15.00
CA GLU B 187 14.90 2.07 -13.94
C GLU B 187 16.24 2.27 -13.23
N VAL B 188 16.31 3.16 -12.24
CA VAL B 188 17.59 3.35 -11.56
C VAL B 188 18.13 2.04 -11.03
N ASN B 189 17.27 1.18 -10.54
CA ASN B 189 17.72 -0.05 -9.89
C ASN B 189 18.17 -1.15 -10.84
N SER B 190 17.97 -0.95 -12.15
CA SER B 190 18.52 -1.94 -13.06
C SER B 190 20.03 -1.95 -12.90
N VAL B 191 20.58 -0.94 -12.23
CA VAL B 191 22.01 -0.94 -11.94
C VAL B 191 22.45 -2.25 -11.22
N LEU B 192 21.55 -2.85 -10.47
CA LEU B 192 21.85 -4.03 -9.67
C LEU B 192 22.23 -5.27 -10.50
N GLU B 193 21.47 -5.52 -11.55
CA GLU B 193 21.76 -6.63 -12.47
C GLU B 193 22.74 -6.29 -13.60
N LEU B 194 22.68 -5.05 -14.08
CA LEU B 194 23.45 -4.62 -15.26
C LEU B 194 24.23 -3.34 -14.98
N PRO B 195 25.26 -3.43 -14.14
CA PRO B 195 26.02 -2.26 -13.71
C PRO B 195 26.59 -1.47 -14.90
N PHE B 196 27.07 -2.16 -15.94
CA PHE B 196 27.67 -1.47 -17.06
C PHE B 196 26.64 -0.79 -17.96
N THR B 197 25.74 -1.58 -18.54
CA THR B 197 24.69 -1.02 -19.39
C THR B 197 23.87 0.03 -18.68
N SER B 198 23.53 -0.27 -17.43
CA SER B 198 22.61 0.56 -16.63
C SER B 198 23.24 1.78 -15.98
N GLY B 199 24.39 1.57 -15.35
CA GLY B 199 25.08 2.62 -14.62
C GLY B 199 26.37 3.10 -15.23
N GLY B 200 26.76 2.52 -16.37
CA GLY B 200 28.02 2.86 -16.99
C GLY B 200 29.17 2.47 -16.07
N ILE B 201 28.96 1.45 -15.25
CA ILE B 201 29.99 0.98 -14.34
C ILE B 201 30.79 -0.15 -15.00
N ASP B 202 32.06 0.13 -15.33
CA ASP B 202 32.90 -0.81 -16.07
C ASP B 202 33.75 -1.72 -15.17
N ILE B 203 33.54 -1.64 -13.87
CA ILE B 203 34.15 -2.61 -12.96
C ILE B 203 33.41 -3.95 -13.06
N PRO B 204 34.16 -5.06 -13.15
CA PRO B 204 33.55 -6.39 -13.26
C PRO B 204 32.57 -6.72 -12.12
N LYS B 205 31.41 -7.28 -12.48
CA LYS B 205 30.34 -7.58 -11.54
C LYS B 205 30.81 -8.33 -10.31
N GLU B 206 31.78 -9.21 -10.48
CA GLU B 206 32.28 -10.01 -9.37
C GLU B 206 33.00 -9.12 -8.35
N ASN B 207 33.43 -7.94 -8.78
CA ASN B 207 34.14 -7.01 -7.90
C ASN B 207 33.30 -5.88 -7.29
N LEU B 208 31.99 -5.92 -7.50
CA LEU B 208 31.10 -4.91 -7.00
C LEU B 208 30.29 -5.36 -5.80
N SER B 209 30.46 -4.68 -4.69
CA SER B 209 29.67 -4.95 -3.48
C SER B 209 28.26 -4.33 -3.56
N LYS B 210 27.34 -4.82 -2.75
CA LYS B 210 26.03 -4.20 -2.64
C LYS B 210 26.21 -2.72 -2.34
N GLN B 211 27.19 -2.41 -1.50
CA GLN B 211 27.46 -1.02 -1.12
C GLN B 211 27.74 -0.12 -2.33
N GLU B 212 28.63 -0.55 -3.22
CA GLU B 212 28.98 0.26 -4.37
C GLU B 212 27.78 0.47 -5.30
N LEU B 213 26.99 -0.58 -5.49
CA LEU B 213 25.84 -0.57 -6.38
C LEU B 213 24.73 0.32 -5.85
N TYR B 214 24.41 0.16 -4.57
CA TYR B 214 23.44 1.02 -3.91
C TYR B 214 23.90 2.47 -3.80
N GLN B 215 25.20 2.69 -3.65
CA GLN B 215 25.70 4.05 -3.62
C GLN B 215 25.51 4.68 -5.01
N ALA B 216 25.75 3.89 -6.04
CA ALA B 216 25.57 4.38 -7.41
C ALA B 216 24.11 4.74 -7.66
N ILE B 217 23.20 3.90 -7.17
CA ILE B 217 21.79 4.18 -7.35
C ILE B 217 21.38 5.43 -6.54
N HIS B 218 21.96 5.57 -5.35
CA HIS B 218 21.78 6.79 -4.58
C HIS B 218 22.15 8.03 -5.40
N HIS B 219 23.32 8.00 -6.07
CA HIS B 219 23.71 9.14 -6.90
C HIS B 219 22.67 9.39 -7.97
N GLU B 220 22.16 8.32 -8.58
CA GLU B 220 21.08 8.48 -9.56
C GLU B 220 19.82 9.14 -9.00
N LEU B 221 19.41 8.72 -7.81
CA LEU B 221 18.21 9.24 -7.16
C LEU B 221 18.35 10.73 -6.81
N VAL B 222 19.52 11.08 -6.29
CA VAL B 222 19.81 12.49 -6.00
C VAL B 222 19.80 13.31 -7.30
N ALA B 223 20.44 12.79 -8.34
CA ALA B 223 20.43 13.45 -9.66
C ALA B 223 19.01 13.63 -10.21
N SER B 224 18.18 12.60 -10.07
CA SER B 224 16.78 12.66 -10.48
C SER B 224 16.05 13.80 -9.76
N SER B 225 16.29 13.89 -8.45
CA SER B 225 15.68 14.97 -7.68
C SER B 225 16.17 16.36 -8.12
N LEU B 226 17.48 16.48 -8.24
CA LEU B 226 18.12 17.73 -8.61
C LEU B 226 17.60 18.23 -9.93
N VAL B 227 17.50 17.31 -10.88
CA VAL B 227 16.98 17.60 -12.20
C VAL B 227 15.49 17.92 -12.18
N THR B 228 14.78 17.36 -11.22
CA THR B 228 13.37 17.72 -11.01
C THR B 228 13.24 19.19 -10.54
N LYS B 229 14.10 19.58 -9.60
CA LYS B 229 14.18 21.00 -9.20
C LYS B 229 14.46 21.91 -10.39
N ILE B 230 15.52 21.60 -11.12
CA ILE B 230 15.93 22.39 -12.29
C ILE B 230 14.79 22.50 -13.29
N ALA B 231 14.14 21.37 -13.56
CA ALA B 231 13.01 21.31 -14.48
C ALA B 231 11.92 22.28 -14.07
N ARG B 232 11.54 22.24 -12.80
CA ARG B 232 10.46 23.09 -12.32
C ARG B 232 10.84 24.57 -12.41
N GLU B 233 12.11 24.90 -12.19
CA GLU B 233 12.53 26.30 -12.38
C GLU B 233 12.43 26.70 -13.85
N ILE B 234 12.76 25.77 -14.74
CA ILE B 234 12.75 26.05 -16.18
C ILE B 234 11.34 26.21 -16.78
N ASN B 235 10.48 25.24 -16.57
CA ASN B 235 9.09 25.34 -17.02
C ASN B 235 8.16 24.70 -15.98
N SER B 236 7.23 25.47 -15.44
CA SER B 236 6.33 24.98 -14.42
C SER B 236 5.26 24.06 -15.02
N GLU B 237 5.21 23.99 -16.35
CA GLU B 237 4.24 23.13 -17.02
C GLU B 237 4.76 21.72 -17.24
N PHE B 238 6.07 21.55 -17.08
CA PHE B 238 6.73 20.26 -17.24
C PHE B 238 6.11 19.23 -16.29
N LYS B 239 5.95 17.99 -16.75
CA LYS B 239 5.65 16.85 -15.88
C LYS B 239 6.85 15.91 -15.85
N VAL B 240 7.35 15.63 -14.65
CA VAL B 240 8.55 14.81 -14.47
C VAL B 240 8.22 13.51 -13.76
N GLY B 241 8.36 12.38 -14.44
CA GLY B 241 8.11 11.09 -13.83
C GLY B 241 9.35 10.29 -13.52
N CYS B 242 9.20 9.26 -12.68
CA CYS B 242 10.27 8.27 -12.59
C CYS B 242 9.87 7.13 -13.50
N MET B 243 10.77 6.17 -13.70
CA MET B 243 10.47 5.01 -14.53
C MET B 243 10.99 3.78 -13.80
N VAL B 244 10.11 2.85 -13.45
CA VAL B 244 10.50 1.63 -12.73
C VAL B 244 9.91 0.38 -13.37
N LEU B 245 10.47 -0.77 -13.01
CA LEU B 245 9.95 -2.06 -13.42
C LEU B 245 8.81 -2.53 -12.54
N ALA B 246 7.63 -2.72 -13.13
CA ALA B 246 6.49 -3.23 -12.40
C ALA B 246 6.54 -4.75 -12.45
N MET B 247 6.60 -5.37 -11.27
CA MET B 247 6.52 -6.84 -11.21
C MET B 247 5.74 -7.31 -9.99
N PRO B 248 4.41 -7.37 -10.10
CA PRO B 248 3.58 -7.81 -8.96
C PRO B 248 3.96 -9.25 -8.62
N ALA B 249 4.07 -9.52 -7.32
CA ALA B 249 4.44 -10.85 -6.84
C ALA B 249 3.26 -11.50 -6.12
N TYR B 250 3.12 -12.81 -6.32
CA TYR B 250 2.06 -13.59 -5.68
C TYR B 250 2.71 -14.68 -4.85
N PRO B 251 2.11 -15.04 -3.70
CA PRO B 251 2.59 -16.18 -2.91
C PRO B 251 2.19 -17.53 -3.53
N MET B 252 3.09 -18.51 -3.49
CA MET B 252 2.81 -19.82 -4.09
C MET B 252 1.66 -20.49 -3.35
N THR B 253 1.55 -20.21 -2.06
CA THR B 253 0.51 -20.77 -1.20
C THR B 253 0.12 -19.72 -0.15
N PRO B 254 -1.06 -19.89 0.48
CA PRO B 254 -1.54 -19.08 1.62
C PRO B 254 -0.73 -19.27 2.91
N ASN B 255 0.27 -20.15 2.90
CA ASN B 255 1.16 -20.26 4.05
C ASN B 255 1.70 -18.87 4.38
N PRO B 256 1.49 -18.38 5.62
CA PRO B 256 1.92 -17.02 6.00
C PRO B 256 3.40 -16.78 5.73
N LYS B 257 4.22 -17.82 5.88
CA LYS B 257 5.65 -17.73 5.51
C LYS B 257 5.87 -17.35 4.03
N ASP B 258 5.05 -17.90 3.12
CA ASP B 258 5.15 -17.51 1.70
C ASP B 258 4.57 -16.10 1.45
N VAL B 259 3.48 -15.76 2.13
CA VAL B 259 2.91 -14.42 2.00
C VAL B 259 3.96 -13.38 2.40
N TRP B 260 4.66 -13.66 3.49
CA TRP B 260 5.69 -12.75 3.96
C TRP B 260 6.90 -12.74 3.02
N ALA B 261 7.32 -13.92 2.56
CA ALA B 261 8.40 -13.97 1.57
C ALA B 261 8.08 -13.08 0.37
N THR B 262 6.82 -13.11 -0.06
CA THR B 262 6.36 -12.38 -1.23
C THR B 262 6.41 -10.86 -0.96
N HIS B 263 6.00 -10.48 0.25
CA HIS B 263 6.09 -9.09 0.68
C HIS B 263 7.53 -8.57 0.66
N GLU B 264 8.41 -9.33 1.29
CA GLU B 264 9.83 -9.01 1.32
C GLU B 264 10.41 -8.89 -0.08
N TYR B 265 10.03 -9.81 -0.97
CA TYR B 265 10.48 -9.74 -2.34
C TYR B 265 10.06 -8.41 -3.00
N GLU B 266 8.79 -8.06 -2.86
CA GLU B 266 8.32 -6.79 -3.45
C GLU B 266 9.06 -5.55 -2.89
N ASN B 267 9.46 -5.58 -1.63
CA ASN B 267 10.26 -4.47 -1.09
C ASN B 267 11.57 -4.16 -1.82
N LEU B 268 12.20 -5.17 -2.40
CA LEU B 268 13.42 -4.96 -3.21
C LEU B 268 13.18 -3.89 -4.26
N ASN B 269 12.04 -3.99 -4.92
CA ASN B 269 11.65 -3.04 -5.96
C ASN B 269 11.06 -1.76 -5.38
N TYR B 270 10.18 -1.90 -4.39
CA TYR B 270 9.53 -0.74 -3.80
C TYR B 270 10.50 0.27 -3.19
N LEU B 271 11.69 -0.16 -2.80
CA LEU B 271 12.63 0.76 -2.19
C LEU B 271 12.87 2.01 -3.04
N PHE B 272 13.15 1.79 -4.31
CA PHE B 272 13.52 2.87 -5.23
C PHE B 272 12.33 3.74 -5.63
N SER B 273 11.18 3.13 -5.91
CA SER B 273 9.98 3.94 -6.14
C SER B 273 9.57 4.73 -4.89
N ASP B 274 9.81 4.18 -3.70
CA ASP B 274 9.53 4.89 -2.47
C ASP B 274 10.43 6.13 -2.38
N VAL B 275 11.70 5.99 -2.74
CA VAL B 275 12.53 7.19 -2.77
C VAL B 275 12.03 8.22 -3.81
N HIS B 276 11.82 7.78 -5.05
CA HIS B 276 11.29 8.66 -6.11
C HIS B 276 10.05 9.45 -5.72
N VAL B 277 9.04 8.74 -5.21
CA VAL B 277 7.75 9.33 -4.84
C VAL B 277 7.62 9.97 -3.45
N ARG B 278 8.06 9.27 -2.43
CA ARG B 278 7.94 9.74 -1.05
C ARG B 278 9.08 10.64 -0.59
N GLY B 279 10.25 10.43 -1.17
CA GLY B 279 11.37 11.35 -0.99
C GLY B 279 12.27 11.04 0.18
N TYR B 280 12.17 9.83 0.71
CA TYR B 280 13.12 9.37 1.73
C TYR B 280 13.25 7.86 1.64
N TYR B 281 14.35 7.32 2.18
CA TYR B 281 14.51 5.87 2.18
C TYR B 281 13.50 5.30 3.15
N PRO B 282 12.75 4.26 2.74
CA PRO B 282 11.60 3.78 3.51
C PRO B 282 12.02 3.06 4.79
N ASN B 283 11.08 2.93 5.72
CA ASN B 283 11.34 2.37 7.04
C ASN B 283 12.06 1.00 7.01
N TYR B 284 11.78 0.18 6.01
CA TYR B 284 12.31 -1.17 5.96
C TYR B 284 13.72 -1.21 5.37
N ALA B 285 14.17 -0.09 4.82
CA ALA B 285 15.50 -0.01 4.22
C ALA B 285 16.58 -0.25 5.27
N LYS B 286 16.39 0.32 6.45
CA LYS B 286 17.40 0.23 7.51
C LYS B 286 17.76 -1.24 7.76
N ARG B 287 16.76 -2.04 8.09
CA ARG B 287 16.97 -3.46 8.29
C ARG B 287 17.71 -4.08 7.09
N TYR B 288 17.20 -3.85 5.88
CA TYR B 288 17.77 -4.54 4.72
C TYR B 288 19.23 -4.13 4.58
N PHE B 289 19.49 -2.85 4.78
CA PHE B 289 20.83 -2.36 4.54
C PHE B 289 21.72 -3.02 5.58
N LYS B 290 21.22 -3.06 6.81
CA LYS B 290 21.97 -3.60 7.92
C LYS B 290 22.30 -5.07 7.66
N GLU B 291 21.35 -5.79 7.07
CA GLU B 291 21.58 -7.21 6.87
C GLU B 291 22.50 -7.44 5.67
N ASN B 292 22.51 -6.48 4.75
CA ASN B 292 23.32 -6.59 3.53
C ASN B 292 24.65 -5.80 3.50
N ASP B 293 24.99 -5.18 4.61
CA ASP B 293 26.21 -4.40 4.72
C ASP B 293 26.21 -3.19 3.78
N ILE B 294 25.07 -2.53 3.68
CA ILE B 294 24.95 -1.33 2.88
C ILE B 294 24.79 -0.15 3.81
N ASN B 295 25.67 0.84 3.65
CA ASN B 295 25.52 2.11 4.35
C ASN B 295 25.67 3.25 3.35
N ILE B 296 24.58 3.94 3.05
CA ILE B 296 24.61 4.98 2.04
C ILE B 296 25.35 6.20 2.57
N GLU B 297 26.29 6.72 1.80
CA GLU B 297 26.97 7.94 2.21
C GLU B 297 26.22 9.14 1.63
N PHE B 298 25.61 9.93 2.51
CA PHE B 298 24.87 11.10 2.08
C PHE B 298 25.77 12.36 2.03
N ALA B 299 25.70 13.10 0.94
CA ALA B 299 26.24 14.46 0.94
C ALA B 299 25.21 15.30 1.69
N ALA B 300 25.63 16.43 2.25
CA ALA B 300 24.75 17.20 3.15
C ALA B 300 23.46 17.69 2.50
N GLU B 301 23.51 17.92 1.20
CA GLU B 301 22.35 18.42 0.46
C GLU B 301 21.36 17.32 0.09
N ASP B 302 21.79 16.06 0.19
CA ASP B 302 21.01 14.97 -0.37
C ASP B 302 19.60 14.82 0.21
N ALA B 303 19.48 14.80 1.53
CA ALA B 303 18.18 14.51 2.14
C ALA B 303 17.12 15.51 1.68
N GLU B 304 17.48 16.79 1.65
CA GLU B 304 16.55 17.83 1.28
C GLU B 304 16.19 17.78 -0.19
N LEU B 305 17.16 17.48 -1.05
CA LEU B 305 16.86 17.33 -2.47
C LEU B 305 15.86 16.18 -2.65
N LEU B 306 16.17 15.03 -2.06
CA LEU B 306 15.29 13.87 -2.16
C LEU B 306 13.87 14.14 -1.65
N LYS B 307 13.78 14.79 -0.49
CA LYS B 307 12.49 15.00 0.16
C LYS B 307 11.64 16.03 -0.57
N ASN B 308 12.30 17.12 -0.97
CA ASN B 308 11.62 18.26 -1.58
C ASN B 308 11.32 18.13 -3.07
N TYR B 309 12.12 17.36 -3.81
CA TYR B 309 11.75 17.19 -5.19
C TYR B 309 11.48 15.72 -5.54
N THR B 310 10.21 15.34 -5.42
CA THR B 310 9.77 13.99 -5.75
C THR B 310 8.99 14.09 -7.05
N VAL B 311 8.74 12.95 -7.67
CA VAL B 311 8.19 12.94 -9.02
C VAL B 311 6.72 13.30 -9.11
N ASP B 312 6.32 13.85 -10.26
CA ASP B 312 4.95 14.24 -10.55
C ASP B 312 4.14 13.00 -10.87
N PHE B 313 4.81 12.03 -11.49
CA PHE B 313 4.14 10.80 -11.83
C PHE B 313 5.09 9.61 -11.84
N LEU B 314 4.52 8.42 -11.82
CA LEU B 314 5.30 7.20 -11.89
C LEU B 314 5.02 6.44 -13.19
N SER B 315 6.07 6.13 -13.94
CA SER B 315 5.89 5.36 -15.16
C SER B 315 6.57 4.02 -14.94
N PHE B 316 6.14 3.01 -15.68
CA PHE B 316 6.73 1.69 -15.50
C PHE B 316 6.69 0.81 -16.74
N SER B 317 7.60 -0.18 -16.75
CA SER B 317 7.52 -1.27 -17.72
C SER B 317 6.75 -2.43 -17.09
N TYR B 318 5.86 -3.05 -17.85
CA TYR B 318 5.22 -4.26 -17.37
C TYR B 318 5.17 -5.37 -18.44
N TYR B 319 5.70 -6.52 -18.05
CA TYR B 319 5.70 -7.75 -18.86
C TYR B 319 4.98 -8.93 -18.15
N MET B 320 5.37 -9.21 -16.91
CA MET B 320 4.84 -10.37 -16.21
C MET B 320 4.84 -10.22 -14.68
N SER B 321 4.13 -11.12 -14.02
CA SER B 321 4.14 -11.22 -12.57
C SER B 321 5.26 -12.20 -12.17
N VAL B 322 5.36 -12.47 -10.88
CA VAL B 322 6.27 -13.51 -10.41
C VAL B 322 5.65 -14.16 -9.19
N THR B 323 5.92 -15.46 -9.00
CA THR B 323 5.37 -16.19 -7.87
C THR B 323 6.50 -16.54 -6.93
N GLN B 324 6.33 -16.21 -5.65
CA GLN B 324 7.37 -16.30 -4.65
C GLN B 324 7.00 -17.29 -3.54
N SER B 325 8.03 -17.78 -2.87
CA SER B 325 7.88 -18.77 -1.81
C SER B 325 8.99 -18.57 -0.77
N ALA B 326 8.73 -19.04 0.45
CA ALA B 326 9.74 -19.05 1.50
C ALA B 326 10.61 -20.31 1.43
N LEU B 327 10.37 -21.17 0.45
CA LEU B 327 11.12 -22.41 0.33
C LEU B 327 12.60 -22.17 0.00
N PRO B 328 13.50 -22.95 0.56
CA PRO B 328 14.94 -22.74 0.33
C PRO B 328 15.29 -22.43 -1.14
N GLY B 341 11.25 -16.78 -9.04
CA GLY B 341 10.34 -17.63 -8.27
C GLY B 341 9.97 -18.91 -8.98
N LEU B 342 8.75 -19.37 -8.71
CA LEU B 342 8.27 -20.67 -9.18
C LEU B 342 7.59 -20.53 -10.52
N VAL B 343 7.14 -21.64 -11.09
CA VAL B 343 6.37 -21.54 -12.32
C VAL B 343 4.88 -21.52 -11.98
N ASN B 344 4.23 -20.39 -12.23
CA ASN B 344 2.80 -20.23 -12.00
C ASN B 344 2.02 -21.15 -12.92
N PRO B 345 1.30 -22.13 -12.36
CA PRO B 345 0.56 -23.08 -13.20
C PRO B 345 -0.66 -22.47 -13.89
N TYR B 346 -1.08 -21.28 -13.48
CA TYR B 346 -2.30 -20.68 -14.03
C TYR B 346 -2.08 -19.75 -15.23
N LEU B 347 -0.81 -19.52 -15.60
CA LEU B 347 -0.50 -18.57 -16.67
C LEU B 347 -0.15 -19.25 -18.00
N GLU B 348 -0.56 -18.64 -19.11
CA GLU B 348 -0.15 -19.04 -20.45
C GLU B 348 1.27 -18.59 -20.73
N SER B 349 1.93 -19.18 -21.70
CA SER B 349 3.24 -18.66 -22.07
C SER B 349 3.28 -18.24 -23.54
N SER B 350 4.14 -17.27 -23.85
CA SER B 350 4.33 -16.82 -25.22
C SER B 350 5.12 -17.87 -25.98
N GLU B 351 5.02 -17.83 -27.31
CA GLU B 351 5.79 -18.70 -28.18
C GLU B 351 7.29 -18.61 -27.85
N TRP B 352 7.73 -17.42 -27.42
CA TRP B 352 9.13 -17.20 -27.07
C TRP B 352 9.53 -17.90 -25.76
N GLY B 353 8.54 -18.20 -24.92
CA GLY B 353 8.79 -18.82 -23.64
C GLY B 353 8.65 -17.92 -22.40
N TRP B 354 8.05 -16.74 -22.55
CA TRP B 354 7.71 -15.93 -21.38
C TRP B 354 6.26 -16.23 -20.97
N GLN B 355 6.00 -16.29 -19.67
CA GLN B 355 4.62 -16.39 -19.22
C GLN B 355 3.90 -15.06 -19.48
N ILE B 356 2.58 -15.11 -19.56
CA ILE B 356 1.76 -13.94 -19.87
C ILE B 356 0.72 -13.74 -18.76
N ASP B 357 0.60 -12.52 -18.24
CA ASP B 357 -0.31 -12.27 -17.11
C ASP B 357 -1.00 -10.89 -17.19
N PRO B 358 -2.05 -10.75 -18.01
CA PRO B 358 -2.73 -9.47 -18.15
C PRO B 358 -3.39 -8.99 -16.87
N ILE B 359 -3.95 -9.89 -16.07
CA ILE B 359 -4.57 -9.49 -14.81
C ILE B 359 -3.52 -8.84 -13.88
N GLY B 360 -2.29 -9.36 -13.91
CA GLY B 360 -1.18 -8.77 -13.18
C GLY B 360 -0.98 -7.29 -13.45
N LEU B 361 -1.40 -6.81 -14.61
CA LEU B 361 -1.31 -5.38 -14.92
C LEU B 361 -2.33 -4.57 -14.11
N ARG B 362 -3.58 -5.02 -14.10
CA ARG B 362 -4.57 -4.42 -13.22
C ARG B 362 -4.11 -4.45 -11.73
N ILE B 363 -3.51 -5.57 -11.35
CA ILE B 363 -3.05 -5.75 -9.96
C ILE B 363 -1.97 -4.74 -9.62
N ILE B 364 -0.95 -4.63 -10.47
CA ILE B 364 0.14 -3.71 -10.16
C ILE B 364 -0.25 -2.21 -10.32
N LEU B 365 -1.15 -1.91 -11.26
CA LEU B 365 -1.69 -0.56 -11.36
C LEU B 365 -2.35 -0.20 -10.03
N ASN B 366 -3.23 -1.09 -9.53
CA ASN B 366 -3.86 -0.84 -8.23
C ASN B 366 -2.86 -0.76 -7.07
N ARG B 367 -1.90 -1.67 -7.02
CA ARG B 367 -0.91 -1.64 -5.94
C ARG B 367 -0.13 -0.33 -5.87
N TYR B 368 0.33 0.13 -7.04
CA TYR B 368 1.06 1.39 -7.12
C TYR B 368 0.17 2.55 -6.75
N TYR B 369 -1.06 2.56 -7.29
CA TYR B 369 -1.94 3.69 -6.99
C TYR B 369 -2.37 3.73 -5.51
N ASP B 370 -2.69 2.57 -4.94
CA ASP B 370 -3.03 2.47 -3.53
C ASP B 370 -1.90 3.06 -2.72
N ARG B 371 -0.68 2.68 -3.09
CA ARG B 371 0.49 3.09 -2.32
C ARG B 371 0.80 4.58 -2.44
N TYR B 372 0.92 5.06 -3.69
CA TYR B 372 1.34 6.44 -3.93
C TYR B 372 0.28 7.52 -4.27
N GLN B 373 -0.93 7.12 -4.68
CA GLN B 373 -1.94 8.09 -5.09
C GLN B 373 -1.44 9.20 -6.04
N ILE B 374 -0.65 8.84 -7.05
CA ILE B 374 -0.27 9.79 -8.09
C ILE B 374 -0.46 9.16 -9.46
N PRO B 375 -0.59 9.99 -10.51
CA PRO B 375 -0.89 9.42 -11.83
C PRO B 375 0.16 8.40 -12.28
N LEU B 376 -0.26 7.38 -13.02
CA LEU B 376 0.64 6.36 -13.54
C LEU B 376 0.68 6.41 -15.07
N PHE B 377 1.80 5.96 -15.63
CA PHE B 377 1.99 5.96 -17.08
C PHE B 377 2.62 4.61 -17.43
N ILE B 378 1.96 3.82 -18.27
CA ILE B 378 2.56 2.55 -18.68
C ILE B 378 3.39 2.87 -19.90
N VAL B 379 4.72 2.90 -19.74
CA VAL B 379 5.63 3.31 -20.82
C VAL B 379 6.40 2.21 -21.54
N GLU B 380 6.32 0.99 -21.04
CA GLU B 380 6.84 -0.18 -21.76
C GLU B 380 5.92 -1.38 -21.56
N ASN B 381 5.29 -1.85 -22.63
CA ASN B 381 4.56 -3.12 -22.61
C ASN B 381 4.46 -3.65 -24.03
N GLY B 382 4.50 -4.96 -24.19
CA GLY B 382 4.50 -5.53 -25.52
C GLY B 382 4.78 -7.03 -25.55
N LEU B 383 4.59 -7.63 -26.71
CA LEU B 383 4.84 -9.05 -26.86
C LEU B 383 5.97 -9.23 -27.86
N GLY B 384 7.08 -9.83 -27.42
CA GLY B 384 8.16 -10.14 -28.35
C GLY B 384 7.93 -11.49 -29.00
N ALA B 385 8.23 -11.57 -30.30
CA ALA B 385 8.09 -12.82 -31.03
C ALA B 385 8.97 -12.77 -32.27
N LYS B 386 9.29 -13.92 -32.85
CA LYS B 386 10.03 -13.82 -34.11
C LYS B 386 8.96 -13.75 -35.17
N ASP B 387 8.64 -12.53 -35.56
CA ASP B 387 7.61 -12.31 -36.55
C ASP B 387 8.19 -12.74 -37.87
N GLN B 388 7.36 -13.30 -38.74
CA GLN B 388 7.80 -13.63 -40.09
C GLN B 388 7.04 -12.73 -41.05
N LEU B 389 7.77 -12.04 -41.92
CA LEU B 389 7.14 -11.24 -42.95
C LEU B 389 6.69 -12.16 -44.09
N ILE B 390 5.43 -12.05 -44.49
CA ILE B 390 4.85 -12.97 -45.46
C ILE B 390 3.75 -12.24 -46.24
N LYS B 391 3.60 -12.56 -47.51
CA LYS B 391 2.55 -11.94 -48.32
C LYS B 391 1.18 -12.46 -47.91
N ASP B 392 0.25 -11.56 -47.62
CA ASP B 392 -1.11 -12.00 -47.31
C ASP B 392 -1.83 -12.30 -48.61
N GLU B 393 -3.11 -12.65 -48.54
CA GLU B 393 -3.84 -13.04 -49.75
C GLU B 393 -4.16 -11.81 -50.57
N LEU B 394 -3.87 -10.63 -50.02
CA LEU B 394 -4.06 -9.36 -50.74
C LEU B 394 -2.79 -8.93 -51.44
N ASN B 395 -1.76 -9.78 -51.40
CA ASN B 395 -0.48 -9.49 -52.06
C ASN B 395 0.44 -8.56 -51.28
N ASN B 396 -0.01 -8.10 -50.12
CA ASN B 396 0.81 -7.21 -49.29
C ASN B 396 1.72 -7.97 -48.33
N LEU B 397 3.01 -7.67 -48.37
CA LEU B 397 3.91 -8.20 -47.36
C LEU B 397 3.50 -7.67 -45.99
N THR B 398 3.35 -8.56 -45.02
CA THR B 398 2.91 -8.18 -43.68
C THR B 398 3.27 -9.26 -42.66
N VAL B 399 2.93 -9.03 -41.40
CA VAL B 399 3.09 -10.05 -40.38
C VAL B 399 1.71 -10.38 -39.85
N GLN B 400 1.34 -11.64 -39.83
CA GLN B 400 0.01 -11.89 -39.31
C GLN B 400 0.28 -12.07 -37.84
N ASP B 401 0.12 -11.02 -37.05
CA ASP B 401 0.35 -11.26 -35.64
C ASP B 401 -0.95 -11.10 -34.86
N ASP B 402 -1.69 -12.19 -34.80
CA ASP B 402 -2.95 -12.18 -34.06
C ASP B 402 -2.59 -12.35 -32.61
N TYR B 403 -1.43 -12.95 -32.38
CA TYR B 403 -0.93 -13.16 -31.02
C TYR B 403 -0.64 -11.82 -30.33
N ARG B 404 -0.15 -10.85 -31.09
CA ARG B 404 0.21 -9.56 -30.54
C ARG B 404 -1.04 -8.72 -30.32
N ILE B 405 -1.97 -8.82 -31.26
CA ILE B 405 -3.27 -8.19 -31.10
C ILE B 405 -3.96 -8.74 -29.85
N GLN B 406 -3.90 -10.05 -29.66
CA GLN B 406 -4.56 -10.66 -28.50
C GLN B 406 -3.91 -10.23 -27.18
N TYR B 407 -2.57 -10.25 -27.14
CA TYR B 407 -1.84 -9.78 -25.97
C TYR B 407 -2.22 -8.34 -25.61
N MET B 408 -2.08 -7.43 -26.59
CA MET B 408 -2.39 -6.03 -26.36
C MET B 408 -3.83 -5.83 -25.93
N LYS B 409 -4.74 -6.57 -26.54
CA LYS B 409 -6.17 -6.44 -26.22
C LYS B 409 -6.45 -6.85 -24.77
N GLU B 410 -5.88 -7.98 -24.36
CA GLU B 410 -6.15 -8.44 -22.99
C GLU B 410 -5.55 -7.50 -21.93
N HIS B 411 -4.34 -7.03 -22.22
CA HIS B 411 -3.69 -6.09 -21.33
C HIS B 411 -4.46 -4.77 -21.23
N LEU B 412 -4.90 -4.26 -22.38
CA LEU B 412 -5.62 -2.98 -22.39
C LEU B 412 -7.00 -3.08 -21.77
N LEU B 413 -7.64 -4.25 -21.88
CA LEU B 413 -8.88 -4.46 -21.13
C LEU B 413 -8.62 -4.40 -19.63
N GLN B 414 -7.48 -4.92 -19.21
CA GLN B 414 -7.13 -4.82 -17.79
C GLN B 414 -6.81 -3.36 -17.39
N VAL B 415 -6.25 -2.60 -18.32
CA VAL B 415 -6.06 -1.17 -18.08
C VAL B 415 -7.41 -0.50 -17.90
N ALA B 416 -8.38 -0.90 -18.71
CA ALA B 416 -9.74 -0.35 -18.60
C ALA B 416 -10.33 -0.68 -17.23
N GLU B 417 -10.14 -1.93 -16.78
CA GLU B 417 -10.58 -2.29 -15.42
C GLU B 417 -9.94 -1.37 -14.39
N ALA B 418 -8.64 -1.12 -14.53
CA ALA B 418 -7.93 -0.26 -13.58
C ALA B 418 -8.44 1.20 -13.61
N LEU B 419 -8.74 1.73 -14.80
CA LEU B 419 -9.40 3.03 -14.90
C LEU B 419 -10.72 3.06 -14.14
N GLN B 420 -11.54 2.02 -14.34
CA GLN B 420 -12.80 1.97 -13.57
C GLN B 420 -12.58 1.82 -12.05
N ASP B 421 -11.46 1.22 -11.65
CA ASP B 421 -11.08 1.11 -10.24
C ASP B 421 -10.69 2.49 -9.67
N GLY B 422 -10.63 3.49 -10.53
CA GLY B 422 -10.27 4.83 -10.08
C GLY B 422 -8.79 5.18 -10.18
N VAL B 423 -7.97 4.27 -10.72
CA VAL B 423 -6.55 4.56 -10.87
C VAL B 423 -6.34 5.63 -11.93
N GLU B 424 -5.53 6.65 -11.63
CA GLU B 424 -5.20 7.67 -12.63
C GLU B 424 -4.10 7.19 -13.55
N ILE B 425 -4.41 7.07 -14.84
CA ILE B 425 -3.46 6.54 -15.81
C ILE B 425 -3.35 7.49 -16.99
N MET B 426 -2.16 8.04 -17.19
CA MET B 426 -1.94 9.09 -18.18
C MET B 426 -1.97 8.58 -19.60
N GLY B 427 -1.55 7.33 -19.79
CA GLY B 427 -1.45 6.78 -21.12
C GLY B 427 -0.75 5.45 -21.22
N TYR B 428 -0.55 5.00 -22.47
CA TYR B 428 0.03 3.72 -22.79
C TYR B 428 0.89 3.84 -24.07
N THR B 429 2.17 3.49 -23.96
CA THR B 429 3.05 3.48 -25.13
C THR B 429 3.57 2.06 -25.34
N SER B 430 3.15 1.47 -26.45
CA SER B 430 3.59 0.12 -26.82
C SER B 430 5.10 0.06 -27.03
N TRP B 431 5.77 -0.89 -26.39
CA TRP B 431 7.23 -0.97 -26.46
C TRP B 431 7.74 -1.42 -27.83
N GLY B 432 8.82 -0.79 -28.29
CA GLY B 432 9.38 -1.09 -29.60
C GLY B 432 8.33 -1.00 -30.71
N CYS B 433 7.62 0.12 -30.76
CA CYS B 433 6.46 0.25 -31.66
C CYS B 433 6.87 0.10 -33.13
N ILE B 434 8.11 0.42 -33.43
CA ILE B 434 8.73 0.03 -34.68
C ILE B 434 9.90 -0.85 -34.27
N ASP B 435 10.05 -2.00 -34.92
CA ASP B 435 10.97 -3.03 -34.45
C ASP B 435 12.31 -2.40 -34.15
N CYS B 436 12.91 -2.75 -33.01
CA CYS B 436 14.16 -2.12 -32.61
C CYS B 436 15.14 -3.18 -32.17
N VAL B 437 16.39 -2.77 -32.00
CA VAL B 437 17.40 -3.67 -31.48
C VAL B 437 17.12 -3.87 -29.99
N SER B 438 17.21 -5.10 -29.52
CA SER B 438 16.87 -5.39 -28.12
C SER B 438 17.96 -4.91 -27.16
N MET B 439 17.58 -4.63 -25.91
CA MET B 439 18.53 -4.18 -24.91
C MET B 439 19.39 -5.34 -24.39
N SER B 440 18.75 -6.46 -24.09
CA SER B 440 19.44 -7.57 -23.43
C SER B 440 20.43 -8.36 -24.29
N THR B 441 20.03 -8.71 -25.51
CA THR B 441 20.89 -9.42 -26.46
C THR B 441 21.44 -8.62 -27.66
N ALA B 442 20.98 -7.38 -27.82
CA ALA B 442 21.20 -6.59 -29.04
C ALA B 442 20.86 -7.35 -30.34
N GLN B 443 19.67 -7.95 -30.39
CA GLN B 443 19.21 -8.67 -31.57
C GLN B 443 17.96 -8.01 -32.17
N LEU B 444 17.73 -8.22 -33.46
CA LEU B 444 16.47 -7.78 -34.09
C LEU B 444 15.35 -8.84 -34.24
N SER B 445 15.69 -10.12 -34.05
CA SER B 445 14.76 -11.19 -34.42
C SER B 445 13.61 -11.39 -33.42
N LYS B 446 13.78 -10.91 -32.20
CA LYS B 446 12.65 -10.91 -31.29
C LYS B 446 12.00 -9.55 -31.41
N ARG B 447 10.83 -9.52 -32.02
CA ARG B 447 10.22 -8.28 -32.48
C ARG B 447 9.00 -7.90 -31.66
N TYR B 448 8.99 -6.65 -31.22
CA TYR B 448 7.87 -6.10 -30.49
C TYR B 448 6.94 -5.21 -31.29
N GLY B 449 7.32 -4.89 -32.52
CA GLY B 449 6.72 -3.73 -33.18
C GLY B 449 5.35 -3.92 -33.78
N LEU B 450 4.66 -2.80 -33.98
CA LEU B 450 3.50 -2.73 -34.86
C LEU B 450 3.98 -2.55 -36.30
N ILE B 451 5.21 -2.06 -36.43
CA ILE B 451 5.86 -1.87 -37.72
C ILE B 451 7.04 -2.82 -37.84
N TYR B 452 7.01 -3.69 -38.85
CA TYR B 452 8.11 -4.58 -39.13
C TYR B 452 9.21 -3.83 -39.86
N VAL B 453 10.46 -4.04 -39.43
CA VAL B 453 11.59 -3.45 -40.13
C VAL B 453 12.38 -4.59 -40.73
N ASP B 454 12.70 -4.49 -42.01
CA ASP B 454 13.39 -5.62 -42.61
C ASP B 454 14.88 -5.37 -42.41
N ARG B 455 15.38 -5.88 -41.29
CA ARG B 455 16.80 -5.98 -40.99
C ARG B 455 16.94 -7.11 -40.01
N ASN B 456 18.01 -7.90 -40.16
CA ASN B 456 18.14 -9.15 -39.43
C ASN B 456 19.28 -9.13 -38.43
N ASP B 457 19.42 -10.23 -37.68
CA ASP B 457 20.42 -10.31 -36.63
C ASP B 457 21.84 -10.14 -37.16
N ASP B 458 22.07 -10.61 -38.39
CA ASP B 458 23.38 -10.49 -39.00
C ASP B 458 23.63 -9.12 -39.64
N GLY B 459 22.62 -8.24 -39.59
CA GLY B 459 22.76 -6.89 -40.12
C GLY B 459 22.17 -6.69 -41.50
N SER B 460 21.92 -7.81 -42.20
CA SER B 460 21.40 -7.81 -43.56
C SER B 460 19.95 -7.30 -43.67
N GLY B 461 19.55 -7.01 -44.90
CA GLY B 461 18.21 -6.57 -45.24
C GLY B 461 18.07 -5.16 -45.76
N THR B 462 16.88 -4.84 -46.30
CA THR B 462 16.62 -3.58 -47.00
C THR B 462 16.28 -2.40 -46.09
N LEU B 463 15.90 -2.69 -44.85
CA LEU B 463 15.49 -1.65 -43.90
C LEU B 463 14.11 -1.05 -44.18
N ASN B 464 13.45 -1.55 -45.22
CA ASN B 464 12.06 -1.18 -45.50
C ASN B 464 11.13 -1.44 -44.30
N ARG B 465 10.09 -0.62 -44.18
CA ARG B 465 9.10 -0.81 -43.12
C ARG B 465 7.80 -1.40 -43.69
N TYR B 466 7.12 -2.21 -42.89
CA TYR B 466 5.83 -2.81 -43.26
C TYR B 466 4.83 -2.76 -42.11
N LYS B 467 3.58 -2.44 -42.40
CA LYS B 467 2.54 -2.52 -41.37
C LYS B 467 2.27 -3.97 -41.05
N LYS B 468 2.26 -4.33 -39.76
CA LYS B 468 1.74 -5.61 -39.29
C LYS B 468 0.21 -5.52 -39.18
N MET B 469 -0.48 -6.64 -39.14
CA MET B 469 -1.94 -6.61 -38.90
C MET B 469 -2.29 -5.85 -37.61
N SER B 470 -1.38 -5.92 -36.64
CA SER B 470 -1.57 -5.24 -35.35
C SER B 470 -1.53 -3.73 -35.52
N PHE B 471 -0.86 -3.27 -36.58
CA PHE B 471 -0.83 -1.86 -36.95
C PHE B 471 -2.26 -1.36 -37.12
N THR B 472 -3.04 -2.08 -37.92
CA THR B 472 -4.41 -1.71 -38.22
C THR B 472 -5.31 -1.82 -36.98
N TRP B 473 -5.15 -2.92 -36.25
CA TRP B 473 -5.94 -3.09 -35.03
C TRP B 473 -5.71 -1.94 -34.03
N TYR B 474 -4.44 -1.65 -33.77
CA TYR B 474 -4.06 -0.63 -32.80
C TYR B 474 -4.53 0.74 -33.28
N LYS B 475 -4.36 1.00 -34.57
CA LYS B 475 -4.91 2.22 -35.16
C LYS B 475 -6.37 2.35 -34.74
N GLU B 476 -7.10 1.25 -34.87
CA GLU B 476 -8.51 1.22 -34.50
C GLU B 476 -8.75 1.53 -33.02
N VAL B 477 -7.91 0.96 -32.15
CA VAL B 477 -8.06 1.23 -30.73
C VAL B 477 -7.82 2.71 -30.42
N ILE B 478 -6.76 3.27 -30.99
CA ILE B 478 -6.45 4.67 -30.74
C ILE B 478 -7.54 5.60 -31.25
N GLU B 479 -7.93 5.39 -32.51
CA GLU B 479 -8.94 6.27 -33.12
C GLU B 479 -10.30 6.17 -32.41
N SER B 480 -10.57 5.03 -31.77
CA SER B 480 -11.79 4.86 -30.99
C SER B 480 -11.59 5.19 -29.50
N ASN B 481 -10.39 5.61 -29.14
CA ASN B 481 -10.03 5.88 -27.75
C ASN B 481 -10.35 4.70 -26.84
N GLY B 482 -10.20 3.49 -27.36
CA GLY B 482 -10.37 2.29 -26.57
C GLY B 482 -11.73 1.65 -26.69
N GLU B 483 -12.72 2.35 -27.25
CA GLU B 483 -14.06 1.79 -27.32
C GLU B 483 -14.10 0.52 -28.19
N SER B 484 -13.14 0.38 -29.09
CA SER B 484 -13.10 -0.79 -29.98
C SER B 484 -12.65 -2.04 -29.22
N LEU B 485 -12.05 -1.85 -28.04
CA LEU B 485 -11.67 -2.97 -27.20
C LEU B 485 -12.88 -3.77 -26.72
N PHE B 486 -14.06 -3.13 -26.68
CA PHE B 486 -15.26 -3.79 -26.20
C PHE B 486 -16.21 -4.15 -27.34
#